data_2CQF
#
_entry.id   2CQF
#
loop_
_entity.id
_entity.type
_entity.pdbx_description
1 polymer 'RNA-binding protein LIN-28'
2 non-polymer 'ZINC ION'
#
_entity_poly.entity_id   1
_entity_poly.type   'polypeptide(L)'
_entity_poly.pdbx_seq_one_letter_code
;GSSGSSGDRCYNCGGLDHHAKECKLPPQPKKCHFCQSISHMVASCPLKAQQGPSAQGSGPSSG
;
_entity_poly.pdbx_strand_id   A
#
loop_
_chem_comp.id
_chem_comp.type
_chem_comp.name
_chem_comp.formula
ZN non-polymer 'ZINC ION' 'Zn 2'
#
# COMPACT_ATOMS: atom_id res chain seq x y z
N GLY A 1 -11.75 -13.40 -23.66
CA GLY A 1 -12.75 -12.52 -24.22
C GLY A 1 -12.45 -11.06 -23.97
N SER A 2 -13.50 -10.25 -23.86
CA SER A 2 -13.34 -8.81 -23.62
C SER A 2 -13.66 -8.47 -22.17
N SER A 3 -12.61 -8.23 -21.38
CA SER A 3 -12.78 -7.89 -19.97
C SER A 3 -11.95 -6.66 -19.61
N GLY A 4 -12.38 -5.96 -18.57
CA GLY A 4 -11.66 -4.77 -18.13
C GLY A 4 -12.05 -4.34 -16.73
N SER A 5 -11.56 -3.18 -16.32
CA SER A 5 -11.86 -2.65 -14.99
C SER A 5 -12.79 -1.44 -15.08
N SER A 6 -13.57 -1.22 -14.02
CA SER A 6 -14.51 -0.11 -13.98
C SER A 6 -13.76 1.22 -14.00
N GLY A 7 -12.48 1.18 -13.65
CA GLY A 7 -11.68 2.39 -13.63
C GLY A 7 -10.99 2.61 -12.30
N ASP A 8 -9.78 2.08 -12.16
CA ASP A 8 -9.03 2.22 -10.92
C ASP A 8 -8.06 3.39 -11.01
N ARG A 9 -8.34 4.46 -10.27
CA ARG A 9 -7.50 5.64 -10.26
C ARG A 9 -6.94 5.92 -8.87
N CYS A 10 -6.02 6.86 -8.78
CA CYS A 10 -5.41 7.22 -7.50
C CYS A 10 -6.48 7.56 -6.47
N TYR A 11 -6.64 6.68 -5.48
CA TYR A 11 -7.63 6.89 -4.43
C TYR A 11 -7.11 7.86 -3.38
N ASN A 12 -6.46 8.93 -3.84
CA ASN A 12 -5.92 9.94 -2.93
C ASN A 12 -6.28 11.34 -3.41
N CYS A 13 -5.90 11.66 -4.64
CA CYS A 13 -6.18 12.97 -5.21
C CYS A 13 -7.16 12.86 -6.38
N GLY A 14 -6.97 11.83 -7.20
CA GLY A 14 -7.86 11.62 -8.34
C GLY A 14 -7.11 11.70 -9.65
N GLY A 15 -5.86 11.25 -9.66
CA GLY A 15 -5.06 11.27 -10.87
C GLY A 15 -5.23 10.02 -11.70
N LEU A 16 -5.55 10.20 -12.98
CA LEU A 16 -5.74 9.07 -13.89
C LEU A 16 -4.43 8.69 -14.56
N ASP A 17 -3.62 9.69 -14.88
CA ASP A 17 -2.34 9.46 -15.53
C ASP A 17 -1.41 8.67 -14.62
N HIS A 18 -1.24 9.14 -13.39
CA HIS A 18 -0.37 8.48 -12.43
C HIS A 18 -1.18 7.55 -11.52
N HIS A 19 -0.49 6.65 -10.83
CA HIS A 19 -1.14 5.72 -9.93
C HIS A 19 -1.01 6.17 -8.48
N ALA A 20 -2.00 5.82 -7.66
CA ALA A 20 -2.00 6.20 -6.26
C ALA A 20 -0.62 6.02 -5.64
N LYS A 21 0.05 4.93 -6.00
CA LYS A 21 1.39 4.65 -5.49
C LYS A 21 2.39 5.70 -5.96
N GLU A 22 2.52 5.83 -7.27
CA GLU A 22 3.45 6.81 -7.85
C GLU A 22 3.20 8.20 -7.29
N CYS A 23 1.93 8.57 -7.20
CA CYS A 23 1.54 9.88 -6.68
C CYS A 23 2.52 10.33 -5.58
N LYS A 24 2.71 11.64 -5.50
CA LYS A 24 3.62 12.21 -4.51
C LYS A 24 2.85 12.75 -3.31
N LEU A 25 1.75 13.45 -3.59
CA LEU A 25 0.92 14.02 -2.53
C LEU A 25 0.83 13.07 -1.34
N PRO A 26 0.60 13.64 -0.15
CA PRO A 26 0.49 12.86 1.09
C PRO A 26 -0.79 12.03 1.14
N PRO A 27 -0.68 10.80 1.64
CA PRO A 27 -1.82 9.88 1.75
C PRO A 27 -2.82 10.32 2.81
N GLN A 28 -4.08 10.41 2.42
CA GLN A 28 -5.14 10.83 3.34
C GLN A 28 -4.96 10.18 4.70
N PRO A 29 -5.55 10.81 5.73
CA PRO A 29 -5.47 10.30 7.10
C PRO A 29 -6.26 9.01 7.31
N LYS A 30 -6.78 8.47 6.21
CA LYS A 30 -7.56 7.23 6.25
C LYS A 30 -6.78 6.13 6.95
N LYS A 31 -7.34 4.93 6.96
CA LYS A 31 -6.70 3.79 7.59
C LYS A 31 -5.59 3.23 6.70
N CYS A 32 -4.63 2.55 7.33
CA CYS A 32 -3.51 1.96 6.60
C CYS A 32 -4.01 1.11 5.43
N HIS A 33 -3.57 1.46 4.23
CA HIS A 33 -3.97 0.72 3.03
C HIS A 33 -2.99 -0.42 2.74
N PHE A 34 -2.47 -1.03 3.80
CA PHE A 34 -1.54 -2.14 3.67
C PHE A 34 -1.97 -3.33 4.53
N CYS A 35 -2.18 -3.07 5.82
CA CYS A 35 -2.59 -4.11 6.75
C CYS A 35 -3.88 -3.72 7.47
N GLN A 36 -4.66 -2.84 6.84
CA GLN A 36 -5.92 -2.40 7.42
C GLN A 36 -5.74 -2.05 8.90
N SER A 37 -4.57 -1.53 9.24
CA SER A 37 -4.27 -1.15 10.63
C SER A 37 -4.77 0.25 10.93
N ILE A 38 -6.07 0.37 11.19
CA ILE A 38 -6.67 1.67 11.49
C ILE A 38 -5.84 2.42 12.52
N SER A 39 -5.02 1.70 13.27
CA SER A 39 -4.18 2.31 14.29
C SER A 39 -3.13 3.21 13.66
N HIS A 40 -2.11 2.61 13.06
CA HIS A 40 -1.04 3.36 12.42
C HIS A 40 -1.38 3.63 10.95
N MET A 41 -0.46 4.29 10.26
CA MET A 41 -0.66 4.62 8.85
C MET A 41 0.31 3.83 7.97
N VAL A 42 0.17 4.00 6.66
CA VAL A 42 1.03 3.30 5.71
C VAL A 42 2.42 3.93 5.66
N ALA A 43 2.52 5.16 6.14
CA ALA A 43 3.79 5.87 6.16
C ALA A 43 4.67 5.40 7.30
N SER A 44 4.05 4.98 8.40
CA SER A 44 4.79 4.51 9.56
C SER A 44 4.77 2.98 9.63
N CYS A 45 3.75 2.38 9.02
CA CYS A 45 3.61 0.92 9.01
C CYS A 45 4.97 0.25 8.93
N PRO A 46 5.30 -0.54 9.97
CA PRO A 46 6.57 -1.26 10.04
C PRO A 46 6.67 -2.38 9.01
N LEU A 47 5.59 -3.15 8.88
CA LEU A 47 5.54 -4.25 7.94
C LEU A 47 5.94 -3.80 6.54
N LYS A 48 5.42 -2.66 6.13
CA LYS A 48 5.72 -2.10 4.81
C LYS A 48 7.23 -2.07 4.57
N ALA A 49 7.97 -1.61 5.56
CA ALA A 49 9.42 -1.53 5.46
C ALA A 49 10.09 -2.76 6.08
N GLN A 50 9.46 -3.92 5.88
CA GLN A 50 9.99 -5.17 6.41
C GLN A 50 11.48 -5.32 6.09
N GLN A 51 12.24 -5.82 7.06
CA GLN A 51 13.67 -6.01 6.88
C GLN A 51 13.98 -7.45 6.48
N GLY A 52 14.79 -7.60 5.43
CA GLY A 52 15.15 -8.93 4.97
C GLY A 52 14.75 -9.17 3.53
N PRO A 53 15.64 -8.82 2.60
CA PRO A 53 15.39 -9.00 1.15
C PRO A 53 15.38 -10.46 0.74
N SER A 54 15.67 -11.34 1.70
CA SER A 54 15.70 -12.78 1.43
C SER A 54 14.30 -13.30 1.13
N ALA A 55 14.11 -13.82 -0.08
CA ALA A 55 12.82 -14.36 -0.49
C ALA A 55 12.95 -15.81 -0.92
N GLN A 56 13.70 -16.58 -0.16
CA GLN A 56 13.91 -18.00 -0.46
C GLN A 56 13.14 -18.89 0.52
N GLY A 57 11.88 -19.16 0.20
CA GLY A 57 11.06 -19.98 1.06
C GLY A 57 10.91 -19.40 2.45
N SER A 58 9.70 -18.95 2.78
CA SER A 58 9.43 -18.37 4.09
C SER A 58 8.60 -19.31 4.94
N GLY A 59 9.30 -20.09 5.78
CA GLY A 59 8.62 -21.02 6.66
C GLY A 59 7.40 -21.64 6.00
N PRO A 60 7.64 -22.60 5.08
CA PRO A 60 6.57 -23.29 4.35
C PRO A 60 5.77 -24.22 5.26
N SER A 61 4.59 -23.78 5.67
CA SER A 61 3.74 -24.58 6.54
C SER A 61 2.26 -24.24 6.31
N SER A 62 1.39 -25.08 6.87
CA SER A 62 -0.05 -24.87 6.71
C SER A 62 -0.73 -24.80 8.08
N GLY A 63 -1.53 -23.76 8.27
CA GLY A 63 -2.23 -23.59 9.54
C GLY A 63 -1.37 -22.95 10.61
ZN ZN B . -2.80 11.09 -6.85
ZN ZN C . -0.05 -1.17 8.03
N GLY A 1 -3.71 2.11 -22.78
CA GLY A 1 -4.43 1.03 -22.14
C GLY A 1 -5.92 1.24 -22.13
N SER A 2 -6.63 0.45 -21.33
CA SER A 2 -8.09 0.57 -21.24
C SER A 2 -8.49 1.83 -20.49
N SER A 3 -8.53 2.96 -21.21
CA SER A 3 -8.90 4.24 -20.61
C SER A 3 -10.39 4.51 -20.79
N GLY A 4 -11.18 4.21 -19.76
CA GLY A 4 -12.61 4.44 -19.83
C GLY A 4 -13.39 3.39 -19.07
N SER A 5 -13.28 3.41 -17.75
CA SER A 5 -13.98 2.45 -16.91
C SER A 5 -14.14 2.97 -15.48
N SER A 6 -15.36 3.36 -15.13
CA SER A 6 -15.64 3.89 -13.79
C SER A 6 -14.52 4.81 -13.34
N GLY A 7 -14.03 5.65 -14.26
CA GLY A 7 -12.96 6.58 -13.92
C GLY A 7 -11.93 5.96 -12.99
N ASP A 8 -10.97 5.27 -13.57
CA ASP A 8 -9.91 4.63 -12.78
C ASP A 8 -8.65 5.49 -12.76
N ARG A 9 -8.62 6.45 -11.84
CA ARG A 9 -7.48 7.35 -11.72
C ARG A 9 -7.14 7.59 -10.24
N CYS A 10 -5.94 8.11 -10.00
CA CYS A 10 -5.49 8.39 -8.64
C CYS A 10 -6.63 8.97 -7.80
N TYR A 11 -7.01 8.23 -6.76
CA TYR A 11 -8.10 8.67 -5.88
C TYR A 11 -7.57 9.64 -4.83
N ASN A 12 -6.68 10.53 -5.23
CA ASN A 12 -6.11 11.52 -4.33
C ASN A 12 -6.17 12.92 -4.94
N CYS A 13 -5.49 13.08 -6.08
CA CYS A 13 -5.47 14.38 -6.75
C CYS A 13 -6.29 14.32 -8.05
N GLY A 14 -6.10 13.26 -8.82
CA GLY A 14 -6.84 13.11 -10.06
C GLY A 14 -5.92 12.96 -11.26
N GLY A 15 -4.83 12.22 -11.08
CA GLY A 15 -3.89 12.01 -12.17
C GLY A 15 -4.17 10.74 -12.94
N LEU A 16 -4.18 10.84 -14.26
CA LEU A 16 -4.44 9.69 -15.12
C LEU A 16 -3.14 8.99 -15.49
N ASP A 17 -2.10 9.78 -15.75
CA ASP A 17 -0.80 9.24 -16.12
C ASP A 17 -0.22 8.41 -14.99
N HIS A 18 -0.21 8.97 -13.78
CA HIS A 18 0.31 8.28 -12.61
C HIS A 18 -0.80 7.64 -11.81
N HIS A 19 -0.44 6.66 -10.99
CA HIS A 19 -1.42 5.96 -10.16
C HIS A 19 -1.40 6.50 -8.73
N ALA A 20 -2.53 6.37 -8.03
CA ALA A 20 -2.64 6.84 -6.67
C ALA A 20 -1.39 6.51 -5.87
N LYS A 21 -0.93 5.27 -5.98
CA LYS A 21 0.26 4.83 -5.27
C LYS A 21 1.49 5.65 -5.69
N GLU A 22 1.73 5.71 -7.00
CA GLU A 22 2.86 6.45 -7.53
C GLU A 22 2.81 7.90 -7.08
N CYS A 23 1.60 8.47 -7.06
CA CYS A 23 1.43 9.86 -6.64
C CYS A 23 2.40 10.23 -5.54
N LYS A 24 2.74 11.51 -5.46
CA LYS A 24 3.66 12.00 -4.44
C LYS A 24 2.90 12.64 -3.27
N LEU A 25 1.84 13.37 -3.59
CA LEU A 25 1.04 14.03 -2.58
C LEU A 25 0.88 13.15 -1.35
N PRO A 26 0.60 13.77 -0.19
CA PRO A 26 0.42 13.06 1.08
C PRO A 26 -0.86 12.25 1.10
N PRO A 27 -0.76 10.99 1.56
CA PRO A 27 -1.90 10.08 1.64
C PRO A 27 -2.89 10.49 2.74
N GLN A 28 -4.17 10.47 2.40
CA GLN A 28 -5.21 10.84 3.36
C GLN A 28 -4.99 10.17 4.70
N PRO A 29 -5.53 10.77 5.77
CA PRO A 29 -5.40 10.24 7.13
C PRO A 29 -6.20 8.95 7.33
N LYS A 30 -6.70 8.40 6.23
CA LYS A 30 -7.49 7.18 6.29
C LYS A 30 -6.65 6.02 6.84
N LYS A 31 -7.32 4.92 7.17
CA LYS A 31 -6.64 3.75 7.70
C LYS A 31 -5.94 2.97 6.59
N CYS A 32 -5.08 2.03 6.98
CA CYS A 32 -4.35 1.22 6.01
C CYS A 32 -5.30 0.67 4.95
N HIS A 33 -5.02 1.00 3.69
CA HIS A 33 -5.85 0.53 2.59
C HIS A 33 -5.38 -0.83 2.10
N PHE A 34 -4.82 -1.63 3.01
CA PHE A 34 -4.33 -2.96 2.67
C PHE A 34 -4.99 -4.02 3.54
N CYS A 35 -4.96 -3.81 4.84
CA CYS A 35 -5.54 -4.75 5.79
C CYS A 35 -6.42 -4.02 6.81
N GLN A 36 -6.92 -2.84 6.43
CA GLN A 36 -7.77 -2.06 7.30
C GLN A 36 -7.21 -2.01 8.72
N SER A 37 -5.89 -1.95 8.83
CA SER A 37 -5.22 -1.92 10.12
C SER A 37 -5.01 -0.48 10.59
N ILE A 38 -6.05 0.11 11.18
CA ILE A 38 -5.98 1.47 11.68
C ILE A 38 -4.71 1.69 12.50
N SER A 39 -4.11 0.60 12.97
CA SER A 39 -2.90 0.69 13.77
C SER A 39 -1.75 1.29 12.96
N HIS A 40 -1.25 0.52 12.00
CA HIS A 40 -0.15 0.98 11.15
C HIS A 40 -0.68 1.51 9.82
N MET A 41 0.23 2.02 8.99
CA MET A 41 -0.14 2.55 7.70
C MET A 41 0.40 1.66 6.57
N VAL A 42 -0.34 1.61 5.46
CA VAL A 42 0.06 0.81 4.32
C VAL A 42 1.53 1.02 3.98
N ALA A 43 2.02 2.22 4.24
CA ALA A 43 3.42 2.55 3.97
C ALA A 43 4.37 1.61 4.72
N SER A 44 3.97 1.23 5.93
CA SER A 44 4.78 0.34 6.75
C SER A 44 4.26 -1.09 6.68
N CYS A 45 2.95 -1.23 6.45
CA CYS A 45 2.32 -2.54 6.37
C CYS A 45 3.27 -3.56 5.72
N PRO A 46 3.55 -4.64 6.45
CA PRO A 46 4.44 -5.70 5.97
C PRO A 46 3.82 -6.51 4.83
N LEU A 47 2.60 -6.98 5.04
CA LEU A 47 1.90 -7.75 4.03
C LEU A 47 2.07 -7.13 2.64
N LYS A 48 2.00 -5.80 2.59
CA LYS A 48 2.15 -5.08 1.32
C LYS A 48 3.57 -5.24 0.77
N ALA A 49 4.55 -5.13 1.66
CA ALA A 49 5.95 -5.25 1.26
C ALA A 49 6.26 -6.67 0.81
N GLN A 50 6.04 -7.63 1.71
CA GLN A 50 6.31 -9.04 1.40
C GLN A 50 5.58 -9.46 0.12
N GLN A 51 6.36 -9.73 -0.92
CA GLN A 51 5.80 -10.14 -2.20
C GLN A 51 5.67 -11.66 -2.27
N GLY A 52 6.57 -12.36 -1.59
CA GLY A 52 6.54 -13.81 -1.59
C GLY A 52 7.64 -14.41 -2.44
N PRO A 53 8.84 -14.56 -1.85
CA PRO A 53 9.99 -15.12 -2.56
C PRO A 53 9.84 -16.62 -2.83
N SER A 54 9.23 -17.33 -1.90
CA SER A 54 9.01 -18.76 -2.04
C SER A 54 7.65 -19.17 -1.48
N ALA A 55 6.78 -19.65 -2.36
CA ALA A 55 5.45 -20.08 -1.96
C ALA A 55 5.30 -21.59 -2.06
N GLN A 56 5.07 -22.24 -0.92
CA GLN A 56 4.91 -23.69 -0.89
C GLN A 56 4.05 -24.12 0.29
N GLY A 57 2.83 -24.56 0.00
CA GLY A 57 1.93 -24.98 1.06
C GLY A 57 2.59 -25.95 2.02
N SER A 58 1.99 -26.10 3.20
CA SER A 58 2.53 -26.98 4.23
C SER A 58 2.82 -28.36 3.65
N GLY A 59 1.80 -29.00 3.08
CA GLY A 59 1.96 -30.31 2.50
C GLY A 59 1.01 -31.33 3.09
N PRO A 60 1.47 -32.05 4.12
CA PRO A 60 0.66 -33.07 4.80
C PRO A 60 -0.49 -32.47 5.59
N SER A 61 -0.64 -31.15 5.51
CA SER A 61 -1.70 -30.45 6.23
C SER A 61 -1.53 -30.60 7.73
N SER A 62 -0.28 -30.56 8.19
CA SER A 62 0.03 -30.68 9.61
C SER A 62 -0.48 -29.48 10.39
N GLY A 63 -0.82 -29.69 11.66
CA GLY A 63 -1.31 -28.62 12.49
C GLY A 63 -0.38 -28.31 13.65
ZN ZN B . -2.39 11.77 -7.63
ZN ZN C . -1.99 -3.03 6.65
N GLY A 1 -20.91 6.31 -24.33
CA GLY A 1 -19.61 5.72 -24.58
C GLY A 1 -18.60 6.02 -23.48
N SER A 2 -18.03 4.97 -22.91
CA SER A 2 -17.05 5.13 -21.84
C SER A 2 -15.93 4.10 -21.97
N SER A 3 -14.73 4.59 -22.24
CA SER A 3 -13.56 3.72 -22.40
C SER A 3 -12.98 3.33 -21.04
N GLY A 4 -12.98 2.04 -20.75
CA GLY A 4 -12.45 1.56 -19.48
C GLY A 4 -13.09 2.26 -18.29
N SER A 5 -14.34 1.89 -17.99
CA SER A 5 -15.06 2.48 -16.88
C SER A 5 -14.59 1.90 -15.55
N SER A 6 -14.41 0.58 -15.51
CA SER A 6 -13.97 -0.09 -14.31
C SER A 6 -12.44 -0.24 -14.31
N GLY A 7 -11.76 0.73 -13.70
CA GLY A 7 -10.31 0.69 -13.63
C GLY A 7 -9.78 1.20 -12.31
N ASP A 8 -8.88 0.44 -11.70
CA ASP A 8 -8.28 0.81 -10.43
C ASP A 8 -7.21 1.87 -10.62
N ARG A 9 -7.50 3.10 -10.20
CA ARG A 9 -6.57 4.21 -10.33
C ARG A 9 -6.22 4.78 -8.96
N CYS A 10 -5.28 5.73 -8.94
CA CYS A 10 -4.86 6.36 -7.69
C CYS A 10 -6.05 6.98 -6.96
N TYR A 11 -6.25 6.57 -5.71
CA TYR A 11 -7.35 7.08 -4.91
C TYR A 11 -6.91 8.30 -4.11
N ASN A 12 -6.08 9.14 -4.72
CA ASN A 12 -5.60 10.35 -4.06
C ASN A 12 -5.81 11.57 -4.95
N CYS A 13 -5.20 11.56 -6.13
CA CYS A 13 -5.34 12.67 -7.07
C CYS A 13 -6.19 12.27 -8.26
N GLY A 14 -5.91 11.10 -8.82
CA GLY A 14 -6.65 10.62 -9.97
C GLY A 14 -5.77 10.35 -11.17
N GLY A 15 -4.61 9.75 -10.93
CA GLY A 15 -3.69 9.45 -12.01
C GLY A 15 -3.82 8.03 -12.50
N LEU A 16 -3.81 7.85 -13.82
CA LEU A 16 -3.94 6.54 -14.43
C LEU A 16 -2.56 5.92 -14.67
N ASP A 17 -1.59 6.76 -15.02
CA ASP A 17 -0.23 6.30 -15.28
C ASP A 17 0.42 5.82 -13.99
N HIS A 18 0.42 6.67 -12.97
CA HIS A 18 1.02 6.32 -11.68
C HIS A 18 -0.02 5.72 -10.74
N HIS A 19 0.46 4.99 -9.74
CA HIS A 19 -0.44 4.35 -8.76
C HIS A 19 -0.51 5.18 -7.48
N ALA A 20 -1.52 4.90 -6.66
CA ALA A 20 -1.70 5.61 -5.41
C ALA A 20 -0.44 5.56 -4.56
N LYS A 21 0.13 4.37 -4.43
CA LYS A 21 1.34 4.18 -3.65
C LYS A 21 2.49 5.02 -4.20
N GLU A 22 2.67 4.98 -5.52
CA GLU A 22 3.72 5.74 -6.17
C GLU A 22 3.49 7.24 -6.02
N CYS A 23 2.23 7.65 -6.11
CA CYS A 23 1.87 9.06 -5.98
C CYS A 23 2.76 9.76 -4.95
N LYS A 24 2.95 11.06 -5.11
CA LYS A 24 3.76 11.84 -4.19
C LYS A 24 2.89 12.58 -3.18
N LEU A 25 1.77 13.13 -3.66
CA LEU A 25 0.86 13.87 -2.81
C LEU A 25 0.72 13.19 -1.45
N PRO A 26 0.32 13.98 -0.44
CA PRO A 26 0.14 13.49 0.92
C PRO A 26 -1.05 12.56 1.06
N PRO A 27 -0.79 11.31 1.47
CA PRO A 27 -1.84 10.29 1.65
C PRO A 27 -2.76 10.60 2.83
N GLN A 28 -4.05 10.77 2.54
CA GLN A 28 -5.03 11.08 3.57
C GLN A 28 -4.80 10.21 4.81
N PRO A 29 -5.29 10.68 5.96
CA PRO A 29 -5.16 9.96 7.24
C PRO A 29 -6.00 8.69 7.27
N LYS A 30 -6.53 8.29 6.12
CA LYS A 30 -7.35 7.10 6.02
C LYS A 30 -6.72 5.94 6.80
N LYS A 31 -7.48 4.86 6.95
CA LYS A 31 -6.99 3.69 7.66
C LYS A 31 -6.16 2.79 6.75
N CYS A 32 -5.20 2.09 7.35
CA CYS A 32 -4.33 1.19 6.59
C CYS A 32 -5.12 0.42 5.54
N HIS A 33 -4.72 0.56 4.28
CA HIS A 33 -5.39 -0.12 3.18
C HIS A 33 -4.85 -1.53 3.00
N PHE A 34 -4.44 -2.16 4.10
CA PHE A 34 -3.89 -3.50 4.07
C PHE A 34 -4.59 -4.40 5.08
N CYS A 35 -4.60 -3.98 6.33
CA CYS A 35 -5.23 -4.75 7.41
C CYS A 35 -6.21 -3.89 8.19
N GLN A 36 -6.72 -2.86 7.53
CA GLN A 36 -7.68 -1.95 8.17
C GLN A 36 -7.27 -1.66 9.61
N SER A 37 -5.97 -1.54 9.85
CA SER A 37 -5.46 -1.26 11.18
C SER A 37 -5.35 0.25 11.43
N ILE A 38 -6.49 0.86 11.73
CA ILE A 38 -6.53 2.29 11.99
C ILE A 38 -5.37 2.73 12.89
N SER A 39 -4.84 1.77 13.65
CA SER A 39 -3.73 2.05 14.55
C SER A 39 -2.51 2.56 13.79
N HIS A 40 -1.91 1.67 13.00
CA HIS A 40 -0.75 2.02 12.20
C HIS A 40 -1.13 2.32 10.76
N MET A 41 -0.17 2.82 9.98
CA MET A 41 -0.41 3.14 8.58
C MET A 41 0.25 2.12 7.66
N VAL A 42 -0.31 1.96 6.47
CA VAL A 42 0.24 1.01 5.50
C VAL A 42 1.74 1.20 5.34
N ALA A 43 2.21 2.42 5.55
CA ALA A 43 3.63 2.73 5.42
C ALA A 43 4.44 2.00 6.48
N SER A 44 3.84 1.81 7.65
CA SER A 44 4.51 1.13 8.76
C SER A 44 4.06 -0.33 8.85
N CYS A 45 2.89 -0.61 8.30
CA CYS A 45 2.34 -1.96 8.33
C CYS A 45 3.44 -3.00 8.11
N PRO A 46 3.73 -3.80 9.14
CA PRO A 46 4.75 -4.84 9.09
C PRO A 46 4.36 -6.00 8.18
N LEU A 47 3.13 -6.48 8.34
CA LEU A 47 2.63 -7.59 7.54
C LEU A 47 2.95 -7.37 6.06
N LYS A 48 2.80 -6.13 5.59
CA LYS A 48 3.07 -5.79 4.20
C LYS A 48 4.56 -5.94 3.90
N ALA A 49 5.40 -5.44 4.81
CA ALA A 49 6.85 -5.51 4.64
C ALA A 49 7.32 -6.96 4.63
N GLN A 50 6.94 -7.71 5.66
CA GLN A 50 7.33 -9.11 5.78
C GLN A 50 6.68 -9.94 4.68
N GLN A 51 7.46 -10.83 4.08
CA GLN A 51 6.97 -11.69 3.01
C GLN A 51 5.68 -12.40 3.44
N GLY A 52 4.65 -12.31 2.61
CA GLY A 52 3.38 -12.93 2.93
C GLY A 52 3.55 -14.38 3.40
N PRO A 53 3.61 -15.31 2.44
CA PRO A 53 3.77 -16.73 2.74
C PRO A 53 5.15 -17.06 3.29
N SER A 54 5.20 -17.50 4.54
CA SER A 54 6.48 -17.84 5.19
C SER A 54 6.42 -19.24 5.77
N ALA A 55 6.96 -20.21 5.04
CA ALA A 55 6.97 -21.60 5.50
C ALA A 55 7.90 -21.77 6.70
N GLN A 56 7.34 -22.27 7.79
CA GLN A 56 8.11 -22.49 9.01
C GLN A 56 8.95 -23.75 8.91
N GLY A 57 10.20 -23.60 8.47
CA GLY A 57 11.08 -24.74 8.34
C GLY A 57 12.09 -24.83 9.46
N SER A 58 11.67 -25.38 10.59
CA SER A 58 12.54 -25.53 11.75
C SER A 58 13.26 -26.87 11.73
N GLY A 59 12.49 -27.95 11.59
CA GLY A 59 13.07 -29.28 11.55
C GLY A 59 12.06 -30.37 11.85
N PRO A 60 12.02 -30.80 13.12
CA PRO A 60 11.08 -31.85 13.56
C PRO A 60 9.63 -31.37 13.57
N SER A 61 9.43 -30.12 13.19
CA SER A 61 8.09 -29.53 13.16
C SER A 61 7.57 -29.45 11.72
N SER A 62 6.25 -29.46 11.58
CA SER A 62 5.62 -29.39 10.26
C SER A 62 4.77 -28.13 10.14
N GLY A 63 4.46 -27.75 8.90
CA GLY A 63 3.66 -26.58 8.67
C GLY A 63 2.43 -26.86 7.83
ZN ZN B . -2.09 10.23 -7.40
ZN ZN C . -1.81 -2.73 8.08
N GLY A 1 0.81 -7.37 -23.07
CA GLY A 1 -0.35 -8.18 -23.43
C GLY A 1 -1.54 -7.91 -22.53
N SER A 2 -2.56 -8.74 -22.64
CA SER A 2 -3.76 -8.58 -21.84
C SER A 2 -3.52 -9.01 -20.40
N SER A 3 -3.80 -8.10 -19.46
CA SER A 3 -3.59 -8.37 -18.04
C SER A 3 -4.79 -7.90 -17.23
N GLY A 4 -4.90 -8.41 -16.00
CA GLY A 4 -6.01 -8.04 -15.14
C GLY A 4 -5.88 -6.62 -14.62
N SER A 5 -6.73 -5.73 -15.12
CA SER A 5 -6.71 -4.33 -14.70
C SER A 5 -8.04 -3.66 -14.99
N SER A 6 -8.65 -3.09 -13.96
CA SER A 6 -9.94 -2.41 -14.09
C SER A 6 -10.09 -1.31 -13.04
N GLY A 7 -10.55 -0.15 -13.48
CA GLY A 7 -10.73 0.96 -12.56
C GLY A 7 -9.50 1.25 -11.74
N ASP A 8 -8.33 1.22 -12.39
CA ASP A 8 -7.08 1.49 -11.71
C ASP A 8 -6.72 2.97 -11.77
N ARG A 9 -7.18 3.71 -10.77
CA ARG A 9 -6.92 5.15 -10.70
C ARG A 9 -6.55 5.58 -9.29
N CYS A 10 -5.82 6.69 -9.17
CA CYS A 10 -5.40 7.19 -7.87
C CYS A 10 -6.57 7.88 -7.16
N TYR A 11 -6.86 7.42 -5.94
CA TYR A 11 -7.96 7.98 -5.16
C TYR A 11 -7.46 9.13 -4.28
N ASN A 12 -6.56 9.93 -4.82
CA ASN A 12 -5.99 11.06 -4.08
C ASN A 12 -6.06 12.34 -4.91
N CYS A 13 -5.48 12.29 -6.10
CA CYS A 13 -5.47 13.45 -6.99
C CYS A 13 -6.27 13.16 -8.27
N GLY A 14 -6.05 11.98 -8.84
CA GLY A 14 -6.76 11.60 -10.04
C GLY A 14 -5.81 11.29 -11.19
N GLY A 15 -4.68 10.66 -10.88
CA GLY A 15 -3.71 10.33 -11.89
C GLY A 15 -4.04 9.01 -12.60
N LEU A 16 -3.98 9.03 -13.92
CA LEU A 16 -4.28 7.84 -14.71
C LEU A 16 -3.01 7.02 -14.95
N ASP A 17 -1.92 7.70 -15.28
CA ASP A 17 -0.65 7.04 -15.52
C ASP A 17 -0.07 6.48 -14.23
N HIS A 18 -0.06 7.29 -13.19
CA HIS A 18 0.46 6.88 -11.89
C HIS A 18 -0.66 6.38 -10.98
N HIS A 19 -0.31 5.48 -10.07
CA HIS A 19 -1.28 4.91 -9.14
C HIS A 19 -1.18 5.58 -7.77
N ALA A 20 -2.28 5.55 -7.03
CA ALA A 20 -2.32 6.16 -5.70
C ALA A 20 -1.03 5.86 -4.93
N LYS A 21 -0.61 4.60 -4.96
CA LYS A 21 0.60 4.18 -4.27
C LYS A 21 1.80 5.01 -4.72
N GLU A 22 2.11 4.93 -6.01
CA GLU A 22 3.24 5.67 -6.56
C GLU A 22 3.12 7.17 -6.25
N CYS A 23 1.89 7.69 -6.37
CA CYS A 23 1.63 9.10 -6.10
C CYS A 23 2.55 9.62 -4.99
N LYS A 24 2.95 10.88 -5.10
CA LYS A 24 3.81 11.49 -4.11
C LYS A 24 3.00 12.36 -3.15
N LEU A 25 2.00 13.04 -3.68
CA LEU A 25 1.15 13.91 -2.87
C LEU A 25 0.88 13.29 -1.51
N PRO A 26 0.52 14.13 -0.53
CA PRO A 26 0.22 13.68 0.84
C PRO A 26 -1.07 12.88 0.92
N PRO A 27 -0.95 11.61 1.31
CA PRO A 27 -2.12 10.71 1.44
C PRO A 27 -3.02 11.10 2.60
N GLN A 28 -4.24 10.57 2.60
CA GLN A 28 -5.20 10.86 3.66
C GLN A 28 -4.91 10.03 4.90
N PRO A 29 -5.32 10.56 6.07
CA PRO A 29 -5.11 9.89 7.35
C PRO A 29 -5.98 8.65 7.49
N LYS A 30 -6.66 8.27 6.41
CA LYS A 30 -7.53 7.10 6.42
C LYS A 30 -6.79 5.88 6.97
N LYS A 31 -7.46 4.73 6.93
CA LYS A 31 -6.87 3.48 7.42
C LYS A 31 -5.89 2.90 6.39
N CYS A 32 -4.71 2.51 6.85
CA CYS A 32 -3.70 1.93 5.98
C CYS A 32 -4.34 1.08 4.89
N HIS A 33 -4.00 1.37 3.64
CA HIS A 33 -4.54 0.64 2.51
C HIS A 33 -3.63 -0.53 2.13
N PHE A 34 -3.04 -1.17 3.14
CA PHE A 34 -2.15 -2.29 2.92
C PHE A 34 -2.51 -3.46 3.84
N CYS A 35 -2.59 -3.19 5.13
CA CYS A 35 -2.91 -4.21 6.11
C CYS A 35 -4.15 -3.81 6.91
N GLN A 36 -4.60 -2.58 6.74
CA GLN A 36 -5.77 -2.08 7.44
C GLN A 36 -5.50 -1.98 8.95
N SER A 37 -4.39 -1.33 9.30
CA SER A 37 -4.02 -1.18 10.71
C SER A 37 -4.08 0.28 11.12
N ILE A 38 -5.21 0.68 11.69
CA ILE A 38 -5.40 2.06 12.14
C ILE A 38 -4.17 2.57 12.89
N SER A 39 -3.48 1.65 13.56
CA SER A 39 -2.29 1.99 14.33
C SER A 39 -1.30 2.78 13.47
N HIS A 40 -0.66 2.10 12.52
CA HIS A 40 0.30 2.73 11.64
C HIS A 40 -0.33 3.05 10.29
N MET A 41 0.42 3.73 9.43
CA MET A 41 -0.07 4.10 8.11
C MET A 41 0.73 3.38 7.01
N VAL A 42 0.15 3.31 5.82
CA VAL A 42 0.81 2.66 4.69
C VAL A 42 2.22 3.18 4.50
N ALA A 43 2.47 4.40 4.96
CA ALA A 43 3.79 5.01 4.84
C ALA A 43 4.79 4.33 5.76
N SER A 44 4.31 3.84 6.89
CA SER A 44 5.17 3.16 7.86
C SER A 44 5.04 1.65 7.74
N CYS A 45 3.91 1.21 7.20
CA CYS A 45 3.66 -0.22 7.03
C CYS A 45 4.94 -0.97 6.63
N PRO A 46 5.41 -1.83 7.53
CA PRO A 46 6.62 -2.62 7.31
C PRO A 46 6.44 -3.68 6.22
N LEU A 47 5.27 -4.31 6.23
CA LEU A 47 4.97 -5.36 5.25
C LEU A 47 5.22 -4.85 3.83
N LYS A 48 5.00 -3.56 3.62
CA LYS A 48 5.20 -2.94 2.31
C LYS A 48 6.67 -2.58 2.11
N ALA A 49 7.17 -1.66 2.92
CA ALA A 49 8.56 -1.23 2.83
C ALA A 49 9.50 -2.42 2.67
N GLN A 50 9.38 -3.39 3.56
CA GLN A 50 10.21 -4.58 3.52
C GLN A 50 9.70 -5.58 2.48
N GLN A 51 9.41 -5.07 1.28
CA GLN A 51 8.90 -5.91 0.20
C GLN A 51 9.94 -6.96 -0.19
N GLY A 52 9.67 -8.21 0.19
CA GLY A 52 10.59 -9.28 -0.14
C GLY A 52 11.10 -10.01 1.10
N PRO A 53 11.44 -11.29 0.95
CA PRO A 53 11.95 -12.12 2.04
C PRO A 53 13.35 -11.69 2.50
N SER A 54 13.53 -11.60 3.80
CA SER A 54 14.82 -11.20 4.37
C SER A 54 15.32 -12.23 5.36
N ALA A 55 16.58 -12.09 5.76
CA ALA A 55 17.18 -13.01 6.73
C ALA A 55 16.21 -13.36 7.84
N GLN A 56 16.23 -14.62 8.27
CA GLN A 56 15.34 -15.09 9.33
C GLN A 56 16.04 -15.01 10.68
N GLY A 57 15.28 -14.62 11.70
CA GLY A 57 15.83 -14.52 13.05
C GLY A 57 16.56 -13.20 13.27
N SER A 58 17.87 -13.25 13.34
CA SER A 58 18.68 -12.05 13.55
C SER A 58 20.05 -12.18 12.90
N GLY A 59 20.83 -11.12 12.96
CA GLY A 59 22.16 -11.13 12.38
C GLY A 59 23.21 -11.65 13.32
N PRO A 60 24.15 -12.45 12.80
CA PRO A 60 25.23 -13.04 13.59
C PRO A 60 26.25 -11.98 14.04
N SER A 61 26.60 -12.03 15.33
CA SER A 61 27.55 -11.08 15.89
C SER A 61 28.84 -11.05 15.05
N SER A 62 29.47 -9.89 14.99
CA SER A 62 30.70 -9.73 14.23
C SER A 62 31.90 -10.24 15.03
N GLY A 63 32.44 -11.38 14.61
CA GLY A 63 33.58 -11.96 15.30
C GLY A 63 33.18 -12.96 16.36
ZN ZN B . -2.33 10.76 -7.22
ZN ZN C . -0.33 -1.46 6.98
N GLY A 1 -0.68 -11.04 -14.84
CA GLY A 1 -0.71 -9.75 -14.18
C GLY A 1 -0.49 -9.85 -12.70
N SER A 2 0.73 -10.19 -12.30
CA SER A 2 1.07 -10.33 -10.88
C SER A 2 0.97 -8.98 -10.17
N SER A 3 -0.23 -8.64 -9.73
CA SER A 3 -0.45 -7.38 -9.03
C SER A 3 0.41 -7.29 -7.78
N GLY A 4 0.25 -8.26 -6.88
CA GLY A 4 1.02 -8.27 -5.65
C GLY A 4 0.25 -7.69 -4.48
N SER A 5 -0.39 -6.55 -4.69
CA SER A 5 -1.16 -5.89 -3.64
C SER A 5 -2.60 -5.66 -4.09
N SER A 6 -3.45 -5.28 -3.14
CA SER A 6 -4.85 -5.02 -3.44
C SER A 6 -5.05 -3.58 -3.92
N GLY A 7 -5.65 -3.43 -5.10
CA GLY A 7 -5.89 -2.11 -5.64
C GLY A 7 -5.50 -2.01 -7.11
N ASP A 8 -6.45 -1.58 -7.94
CA ASP A 8 -6.22 -1.45 -9.37
C ASP A 8 -5.39 -0.20 -9.67
N ARG A 9 -5.74 0.90 -9.01
CA ARG A 9 -5.04 2.16 -9.20
C ARG A 9 -4.84 2.89 -7.87
N CYS A 10 -4.11 4.00 -7.91
CA CYS A 10 -3.85 4.78 -6.72
C CYS A 10 -5.15 5.15 -6.01
N TYR A 11 -5.30 4.67 -4.78
CA TYR A 11 -6.51 4.95 -4.00
C TYR A 11 -6.37 6.27 -3.24
N ASN A 12 -5.75 7.25 -3.87
CA ASN A 12 -5.55 8.56 -3.25
C ASN A 12 -6.03 9.68 -4.18
N CYS A 13 -5.50 9.69 -5.41
CA CYS A 13 -5.88 10.70 -6.39
C CYS A 13 -6.62 10.06 -7.56
N GLY A 14 -6.07 8.97 -8.08
CA GLY A 14 -6.69 8.29 -9.20
C GLY A 14 -5.75 8.17 -10.39
N GLY A 15 -4.48 7.88 -10.13
CA GLY A 15 -3.51 7.74 -11.19
C GLY A 15 -3.40 6.32 -11.70
N LEU A 16 -3.22 6.18 -13.00
CA LEU A 16 -3.10 4.86 -13.62
C LEU A 16 -1.63 4.50 -13.86
N ASP A 17 -0.88 5.46 -14.36
CA ASP A 17 0.55 5.24 -14.63
C ASP A 17 1.31 4.98 -13.34
N HIS A 18 1.13 5.85 -12.36
CA HIS A 18 1.79 5.71 -11.07
C HIS A 18 0.91 4.98 -10.08
N HIS A 19 1.53 4.35 -9.08
CA HIS A 19 0.80 3.62 -8.05
C HIS A 19 0.67 4.45 -6.78
N ALA A 20 -0.36 4.15 -6.00
CA ALA A 20 -0.60 4.86 -4.74
C ALA A 20 0.71 5.13 -4.01
N LYS A 21 1.62 4.15 -4.05
CA LYS A 21 2.91 4.28 -3.39
C LYS A 21 3.77 5.35 -4.07
N GLU A 22 4.04 5.14 -5.35
CA GLU A 22 4.86 6.07 -6.12
C GLU A 22 4.30 7.49 -6.00
N CYS A 23 2.98 7.61 -6.02
CA CYS A 23 2.31 8.90 -5.92
C CYS A 23 3.12 9.85 -5.02
N LYS A 24 3.02 11.14 -5.31
CA LYS A 24 3.73 12.15 -4.53
C LYS A 24 2.80 12.80 -3.51
N LEU A 25 1.58 13.11 -3.94
CA LEU A 25 0.60 13.74 -3.07
C LEU A 25 0.69 13.18 -1.65
N PRO A 26 0.26 13.98 -0.67
CA PRO A 26 0.29 13.59 0.74
C PRO A 26 -0.74 12.51 1.06
N PRO A 27 -0.33 11.52 1.85
CA PRO A 27 -1.20 10.41 2.25
C PRO A 27 -2.31 10.84 3.21
N GLN A 28 -3.55 10.47 2.88
CA GLN A 28 -4.69 10.84 3.71
C GLN A 28 -4.70 10.03 5.00
N PRO A 29 -5.40 10.55 6.02
CA PRO A 29 -5.50 9.89 7.33
C PRO A 29 -6.37 8.63 7.27
N LYS A 30 -6.71 8.22 6.06
CA LYS A 30 -7.53 7.02 5.86
C LYS A 30 -7.05 5.88 6.74
N LYS A 31 -7.83 4.80 6.79
CA LYS A 31 -7.47 3.64 7.59
C LYS A 31 -6.16 3.02 7.11
N CYS A 32 -5.48 2.30 8.00
CA CYS A 32 -4.22 1.66 7.66
C CYS A 32 -4.35 0.84 6.37
N HIS A 33 -3.51 1.14 5.39
CA HIS A 33 -3.53 0.44 4.11
C HIS A 33 -2.60 -0.78 4.15
N PHE A 34 -2.46 -1.37 5.33
CA PHE A 34 -1.60 -2.53 5.49
C PHE A 34 -2.37 -3.70 6.10
N CYS A 35 -3.04 -3.44 7.22
CA CYS A 35 -3.83 -4.47 7.90
C CYS A 35 -5.24 -3.99 8.18
N GLN A 36 -5.68 -2.99 7.41
CA GLN A 36 -7.02 -2.43 7.58
C GLN A 36 -7.34 -2.22 9.05
N SER A 37 -6.35 -1.73 9.81
CA SER A 37 -6.53 -1.49 11.24
C SER A 37 -7.00 -0.06 11.48
N ILE A 38 -8.29 0.18 11.29
CA ILE A 38 -8.87 1.50 11.50
C ILE A 38 -8.36 2.12 12.80
N SER A 39 -7.88 1.28 13.71
CA SER A 39 -7.37 1.74 14.99
C SER A 39 -6.11 2.57 14.80
N HIS A 40 -5.03 1.91 14.38
CA HIS A 40 -3.76 2.58 14.16
C HIS A 40 -3.57 2.90 12.67
N MET A 41 -2.47 3.57 12.35
CA MET A 41 -2.16 3.94 10.98
C MET A 41 -1.00 3.12 10.43
N VAL A 42 -0.77 3.22 9.14
CA VAL A 42 0.31 2.49 8.49
C VAL A 42 1.67 3.00 8.94
N ALA A 43 1.74 4.30 9.23
CA ALA A 43 2.98 4.92 9.68
C ALA A 43 3.44 4.33 11.01
N SER A 44 2.47 3.95 11.85
CA SER A 44 2.78 3.37 13.15
C SER A 44 2.67 1.85 13.11
N CYS A 45 1.86 1.34 12.19
CA CYS A 45 1.66 -0.09 12.05
C CYS A 45 2.94 -0.86 12.37
N PRO A 46 2.85 -1.76 13.36
CA PRO A 46 4.00 -2.57 13.79
C PRO A 46 4.40 -3.61 12.75
N LEU A 47 3.40 -4.23 12.13
CA LEU A 47 3.65 -5.25 11.11
C LEU A 47 4.59 -4.72 10.04
N LYS A 48 4.42 -3.45 9.67
CA LYS A 48 5.25 -2.82 8.65
C LYS A 48 6.66 -2.57 9.19
N ALA A 49 6.74 -1.94 10.36
CA ALA A 49 8.02 -1.65 10.97
C ALA A 49 8.86 -2.91 11.16
N GLN A 50 8.26 -3.92 11.79
CA GLN A 50 8.95 -5.18 12.02
C GLN A 50 8.98 -6.02 10.76
N GLN A 51 10.15 -6.07 10.11
CA GLN A 51 10.31 -6.84 8.87
C GLN A 51 10.43 -8.33 9.18
N GLY A 52 10.10 -9.15 8.20
CA GLY A 52 10.17 -10.59 8.38
C GLY A 52 8.89 -11.17 8.92
N PRO A 53 7.81 -11.09 8.13
CA PRO A 53 6.50 -11.62 8.52
C PRO A 53 6.46 -13.14 8.56
N SER A 54 6.07 -13.68 9.70
CA SER A 54 6.00 -15.13 9.88
C SER A 54 4.93 -15.73 8.97
N ALA A 55 5.38 -16.41 7.91
CA ALA A 55 4.46 -17.04 6.97
C ALA A 55 4.10 -18.45 7.41
N GLN A 56 5.12 -19.27 7.64
CA GLN A 56 4.91 -20.65 8.07
C GLN A 56 5.34 -20.84 9.52
N GLY A 57 4.51 -21.54 10.29
CA GLY A 57 4.84 -21.79 11.68
C GLY A 57 4.80 -20.53 12.52
N SER A 58 5.53 -20.53 13.64
CA SER A 58 5.56 -19.38 14.53
C SER A 58 6.72 -18.46 14.16
N GLY A 59 7.89 -19.04 13.91
CA GLY A 59 9.06 -18.26 13.55
C GLY A 59 10.08 -18.21 14.67
N PRO A 60 10.36 -17.01 15.19
CA PRO A 60 11.33 -16.81 16.26
C PRO A 60 10.85 -17.37 17.59
N SER A 61 11.29 -18.58 17.90
CA SER A 61 10.90 -19.24 19.15
C SER A 61 11.72 -18.73 20.32
N SER A 62 13.04 -18.64 20.11
CA SER A 62 13.94 -18.16 21.15
C SER A 62 14.09 -16.65 21.09
N GLY A 63 13.90 -15.99 22.24
CA GLY A 63 14.02 -14.55 22.29
C GLY A 63 13.48 -13.87 21.05
ZN ZN B . -2.02 9.11 -6.79
ZN ZN C . -1.70 -1.79 10.05
N GLY A 1 -1.15 2.51 -23.49
CA GLY A 1 -2.46 1.88 -23.58
C GLY A 1 -3.20 1.90 -22.26
N SER A 2 -4.20 1.04 -22.13
CA SER A 2 -5.00 0.96 -20.91
C SER A 2 -4.94 -0.44 -20.32
N SER A 3 -4.60 -0.52 -19.04
CA SER A 3 -4.50 -1.80 -18.35
C SER A 3 -5.75 -2.06 -17.50
N GLY A 4 -6.19 -1.03 -16.78
CA GLY A 4 -7.37 -1.16 -15.94
C GLY A 4 -7.02 -1.61 -14.53
N SER A 5 -6.83 -0.66 -13.64
CA SER A 5 -6.50 -0.96 -12.25
C SER A 5 -7.43 -0.24 -11.28
N SER A 6 -7.51 -0.74 -10.06
CA SER A 6 -8.38 -0.15 -9.05
C SER A 6 -8.43 1.37 -9.20
N GLY A 7 -9.55 1.86 -9.73
CA GLY A 7 -9.72 3.29 -9.92
C GLY A 7 -9.23 3.75 -11.28
N ASP A 8 -10.10 4.44 -12.02
CA ASP A 8 -9.75 4.94 -13.34
C ASP A 8 -8.59 5.92 -13.27
N ARG A 9 -8.60 6.77 -12.24
CA ARG A 9 -7.54 7.76 -12.06
C ARG A 9 -7.18 7.88 -10.58
N CYS A 10 -6.05 8.56 -10.32
CA CYS A 10 -5.58 8.75 -8.96
C CYS A 10 -6.71 9.25 -8.06
N TYR A 11 -7.07 8.43 -7.07
CA TYR A 11 -8.14 8.79 -6.14
C TYR A 11 -7.61 9.66 -5.00
N ASN A 12 -6.73 10.59 -5.35
CA ASN A 12 -6.14 11.49 -4.36
C ASN A 12 -6.22 12.94 -4.81
N CYS A 13 -5.61 13.22 -5.96
CA CYS A 13 -5.60 14.57 -6.51
C CYS A 13 -6.40 14.62 -7.83
N GLY A 14 -6.15 13.65 -8.69
CA GLY A 14 -6.84 13.60 -9.97
C GLY A 14 -5.89 13.55 -11.15
N GLY A 15 -4.78 12.83 -10.97
CA GLY A 15 -3.81 12.73 -12.05
C GLY A 15 -4.15 11.63 -13.04
N LEU A 16 -4.26 12.00 -14.31
CA LEU A 16 -4.59 11.05 -15.36
C LEU A 16 -3.35 10.30 -15.82
N ASP A 17 -2.25 11.03 -15.98
CA ASP A 17 -0.99 10.43 -16.41
C ASP A 17 -0.42 9.50 -15.34
N HIS A 18 -0.31 10.03 -14.12
CA HIS A 18 0.22 9.25 -13.00
C HIS A 18 -0.90 8.55 -12.26
N HIS A 19 -0.56 7.48 -11.54
CA HIS A 19 -1.54 6.72 -10.78
C HIS A 19 -1.49 7.10 -9.30
N ALA A 20 -2.57 6.81 -8.58
CA ALA A 20 -2.66 7.12 -7.17
C ALA A 20 -1.38 6.71 -6.44
N LYS A 21 -0.94 5.48 -6.68
CA LYS A 21 0.27 4.97 -6.06
C LYS A 21 1.48 5.83 -6.40
N GLU A 22 1.64 6.11 -7.69
CA GLU A 22 2.76 6.92 -8.16
C GLU A 22 2.71 8.31 -7.54
N CYS A 23 1.51 8.87 -7.41
CA CYS A 23 1.33 10.19 -6.83
C CYS A 23 2.31 10.42 -5.70
N LYS A 24 2.70 11.68 -5.51
CA LYS A 24 3.64 12.04 -4.45
C LYS A 24 2.90 12.61 -3.24
N LEU A 25 1.90 13.45 -3.50
CA LEU A 25 1.12 14.05 -2.43
C LEU A 25 0.92 13.08 -1.27
N PRO A 26 0.69 13.61 -0.07
CA PRO A 26 0.48 12.80 1.14
C PRO A 26 -0.85 12.06 1.10
N PRO A 27 -0.84 10.80 1.55
CA PRO A 27 -2.04 9.95 1.58
C PRO A 27 -3.04 10.42 2.63
N GLN A 28 -4.33 10.25 2.34
CA GLN A 28 -5.38 10.66 3.27
C GLN A 28 -5.10 10.13 4.67
N PRO A 29 -5.63 10.83 5.68
CA PRO A 29 -5.46 10.44 7.09
C PRO A 29 -6.22 9.17 7.44
N LYS A 30 -6.78 8.52 6.42
CA LYS A 30 -7.53 7.29 6.63
C LYS A 30 -6.60 6.13 6.96
N LYS A 31 -7.17 4.94 7.09
CA LYS A 31 -6.40 3.74 7.41
C LYS A 31 -5.53 3.33 6.23
N CYS A 32 -4.45 2.61 6.51
CA CYS A 32 -3.54 2.15 5.47
C CYS A 32 -4.30 1.41 4.38
N HIS A 33 -4.19 1.90 3.15
CA HIS A 33 -4.86 1.29 2.01
C HIS A 33 -4.01 0.17 1.42
N PHE A 34 -3.33 -0.58 2.28
CA PHE A 34 -2.49 -1.68 1.85
C PHE A 34 -2.76 -2.94 2.68
N CYS A 35 -2.73 -2.78 4.00
CA CYS A 35 -2.97 -3.90 4.89
C CYS A 35 -3.99 -3.52 5.98
N GLN A 36 -4.80 -2.51 5.69
CA GLN A 36 -5.82 -2.05 6.63
C GLN A 36 -5.23 -1.93 8.03
N SER A 37 -3.99 -1.45 8.11
CA SER A 37 -3.32 -1.29 9.40
C SER A 37 -3.55 0.11 9.96
N ILE A 38 -4.73 0.32 10.53
CA ILE A 38 -5.09 1.62 11.12
C ILE A 38 -3.95 2.16 11.98
N SER A 39 -3.06 1.27 12.41
CA SER A 39 -1.93 1.66 13.24
C SER A 39 -0.99 2.58 12.47
N HIS A 40 -0.32 2.04 11.46
CA HIS A 40 0.60 2.81 10.64
C HIS A 40 -0.06 3.27 9.35
N MET A 41 0.68 4.04 8.55
CA MET A 41 0.16 4.54 7.28
C MET A 41 0.85 3.86 6.11
N VAL A 42 0.18 3.86 4.95
CA VAL A 42 0.74 3.24 3.76
C VAL A 42 2.11 3.82 3.43
N ALA A 43 2.32 5.08 3.78
CA ALA A 43 3.59 5.75 3.52
C ALA A 43 4.73 5.07 4.27
N SER A 44 4.43 4.56 5.47
CA SER A 44 5.43 3.89 6.28
C SER A 44 5.30 2.37 6.16
N CYS A 45 4.12 1.92 5.75
CA CYS A 45 3.86 0.49 5.60
C CYS A 45 5.07 -0.21 4.99
N PRO A 46 5.64 -1.16 5.75
CA PRO A 46 6.81 -1.94 5.30
C PRO A 46 6.46 -2.90 4.17
N LEU A 47 5.39 -3.66 4.35
CA LEU A 47 4.95 -4.62 3.34
C LEU A 47 4.96 -4.00 1.95
N LYS A 48 4.64 -2.71 1.89
CA LYS A 48 4.62 -1.99 0.61
C LYS A 48 6.00 -1.95 -0.02
N ALA A 49 7.01 -1.71 0.81
CA ALA A 49 8.39 -1.65 0.33
C ALA A 49 9.12 -2.97 0.61
N GLN A 50 8.50 -4.07 0.23
CA GLN A 50 9.10 -5.39 0.43
C GLN A 50 10.61 -5.34 0.23
N GLN A 51 11.02 -4.98 -0.98
CA GLN A 51 12.45 -4.89 -1.31
C GLN A 51 13.26 -4.39 -0.12
N GLY A 52 14.30 -5.12 0.24
CA GLY A 52 15.13 -4.75 1.36
C GLY A 52 15.33 -5.87 2.35
N PRO A 53 14.49 -5.91 3.40
CA PRO A 53 14.57 -6.94 4.44
C PRO A 53 14.14 -8.30 3.92
N SER A 54 13.87 -8.39 2.62
CA SER A 54 13.45 -9.65 2.01
C SER A 54 14.63 -10.62 1.90
N ALA A 55 14.33 -11.86 1.53
CA ALA A 55 15.36 -12.88 1.39
C ALA A 55 15.90 -12.92 -0.03
N GLN A 56 17.19 -12.65 -0.18
CA GLN A 56 17.83 -12.66 -1.49
C GLN A 56 17.79 -14.05 -2.10
N GLY A 57 18.09 -14.14 -3.39
CA GLY A 57 18.09 -15.42 -4.08
C GLY A 57 16.96 -15.54 -5.07
N SER A 58 16.77 -16.74 -5.60
CA SER A 58 15.71 -16.99 -6.58
C SER A 58 14.34 -17.08 -5.89
N GLY A 59 14.24 -17.98 -4.92
CA GLY A 59 12.99 -18.15 -4.20
C GLY A 59 13.15 -19.02 -2.97
N PRO A 60 13.95 -18.56 -2.00
CA PRO A 60 14.20 -19.29 -0.76
C PRO A 60 12.96 -19.34 0.14
N SER A 61 12.35 -20.51 0.24
CA SER A 61 11.15 -20.68 1.06
C SER A 61 11.36 -21.79 2.08
N SER A 62 11.81 -21.43 3.27
CA SER A 62 12.05 -22.39 4.34
C SER A 62 10.75 -22.75 5.06
N GLY A 63 10.07 -21.74 5.58
CA GLY A 63 8.83 -21.97 6.29
C GLY A 63 7.72 -22.45 5.36
ZN ZN B . -2.47 12.15 -7.64
ZN ZN C . -0.05 -1.23 5.77
N GLY A 1 -17.26 -6.68 -23.11
CA GLY A 1 -16.21 -6.23 -22.21
C GLY A 1 -16.51 -6.56 -20.76
N SER A 2 -15.62 -6.14 -19.87
CA SER A 2 -15.78 -6.39 -18.45
C SER A 2 -16.11 -5.10 -17.70
N SER A 3 -17.40 -4.87 -17.46
CA SER A 3 -17.84 -3.67 -16.76
C SER A 3 -18.40 -4.02 -15.39
N GLY A 4 -18.71 -2.99 -14.60
CA GLY A 4 -19.26 -3.21 -13.27
C GLY A 4 -18.38 -2.61 -12.19
N SER A 5 -17.07 -2.81 -12.31
CA SER A 5 -16.13 -2.29 -11.32
C SER A 5 -15.28 -1.17 -11.92
N SER A 6 -15.34 0.00 -11.32
CA SER A 6 -14.58 1.15 -11.79
C SER A 6 -13.90 1.88 -10.63
N GLY A 7 -12.58 1.96 -10.68
CA GLY A 7 -11.84 2.62 -9.63
C GLY A 7 -10.37 2.26 -9.65
N ASP A 8 -9.79 2.18 -10.83
CA ASP A 8 -8.37 1.85 -10.98
C ASP A 8 -7.53 3.10 -11.14
N ARG A 9 -7.82 4.12 -10.33
CA ARG A 9 -7.09 5.37 -10.38
C ARG A 9 -6.64 5.80 -8.99
N CYS A 10 -5.82 6.84 -8.94
CA CYS A 10 -5.31 7.36 -7.67
C CYS A 10 -6.45 7.94 -6.82
N TYR A 11 -6.78 7.25 -5.73
CA TYR A 11 -7.85 7.70 -4.85
C TYR A 11 -7.35 8.77 -3.88
N ASN A 12 -6.53 9.69 -4.40
CA ASN A 12 -5.98 10.77 -3.58
C ASN A 12 -6.14 12.12 -4.28
N CYS A 13 -5.59 12.23 -5.48
CA CYS A 13 -5.67 13.46 -6.26
C CYS A 13 -6.54 13.27 -7.49
N GLY A 14 -6.38 12.14 -8.16
CA GLY A 14 -7.17 11.86 -9.35
C GLY A 14 -6.31 11.66 -10.58
N GLY A 15 -5.13 11.07 -10.39
CA GLY A 15 -4.24 10.83 -11.50
C GLY A 15 -4.49 9.51 -12.19
N LEU A 16 -4.67 9.54 -13.50
CA LEU A 16 -4.93 8.33 -14.27
C LEU A 16 -3.62 7.68 -14.71
N ASP A 17 -2.64 8.50 -15.06
CA ASP A 17 -1.34 7.99 -15.49
C ASP A 17 -0.64 7.26 -14.36
N HIS A 18 -0.43 7.95 -13.24
CA HIS A 18 0.23 7.35 -12.08
C HIS A 18 -0.78 6.68 -11.16
N HIS A 19 -0.28 5.84 -10.25
CA HIS A 19 -1.15 5.14 -9.32
C HIS A 19 -1.15 5.82 -7.96
N ALA A 20 -2.18 5.55 -7.16
CA ALA A 20 -2.29 6.14 -5.83
C ALA A 20 -1.00 5.96 -5.04
N LYS A 21 -0.48 4.74 -5.04
CA LYS A 21 0.76 4.43 -4.32
C LYS A 21 1.92 5.25 -4.86
N GLU A 22 2.08 5.26 -6.18
CA GLU A 22 3.15 6.01 -6.82
C GLU A 22 3.05 7.49 -6.50
N CYS A 23 1.82 8.02 -6.54
CA CYS A 23 1.59 9.44 -6.26
C CYS A 23 2.54 9.94 -5.18
N LYS A 24 2.86 11.22 -5.24
CA LYS A 24 3.76 11.83 -4.26
C LYS A 24 2.98 12.58 -3.19
N LEU A 25 1.95 13.31 -3.61
CA LEU A 25 1.12 14.07 -2.69
C LEU A 25 0.88 13.29 -1.40
N PRO A 26 0.57 14.02 -0.32
CA PRO A 26 0.32 13.41 0.99
C PRO A 26 -1.01 12.64 1.02
N PRO A 27 -0.92 11.33 1.26
CA PRO A 27 -2.10 10.45 1.33
C PRO A 27 -2.96 10.73 2.56
N GLN A 28 -4.27 10.71 2.36
CA GLN A 28 -5.21 10.96 3.46
C GLN A 28 -4.88 10.07 4.66
N PRO A 29 -5.24 10.56 5.86
CA PRO A 29 -4.99 9.82 7.11
C PRO A 29 -5.86 8.58 7.23
N LYS A 30 -6.48 8.18 6.13
CA LYS A 30 -7.34 7.00 6.11
C LYS A 30 -6.73 5.86 6.92
N LYS A 31 -7.56 4.89 7.27
CA LYS A 31 -7.10 3.73 8.04
C LYS A 31 -6.37 2.74 7.16
N CYS A 32 -5.63 1.82 7.78
CA CYS A 32 -4.88 0.81 7.05
C CYS A 32 -5.64 0.36 5.81
N HIS A 33 -5.07 0.60 4.64
CA HIS A 33 -5.70 0.22 3.38
C HIS A 33 -5.40 -1.24 3.04
N PHE A 34 -5.42 -2.09 4.07
CA PHE A 34 -5.15 -3.51 3.88
C PHE A 34 -6.19 -4.36 4.61
N CYS A 35 -6.42 -4.04 5.88
CA CYS A 35 -7.39 -4.77 6.68
C CYS A 35 -8.27 -3.81 7.47
N GLN A 36 -8.33 -2.56 7.03
CA GLN A 36 -9.14 -1.54 7.69
C GLN A 36 -8.90 -1.56 9.20
N SER A 37 -7.64 -1.71 9.60
CA SER A 37 -7.29 -1.75 11.01
C SER A 37 -6.91 -0.36 11.51
N ILE A 38 -7.91 0.46 11.80
CA ILE A 38 -7.67 1.81 12.28
C ILE A 38 -6.60 1.83 13.37
N SER A 39 -6.39 0.69 13.99
CA SER A 39 -5.40 0.56 15.05
C SER A 39 -3.99 0.83 14.51
N HIS A 40 -3.48 -0.09 13.71
CA HIS A 40 -2.15 0.04 13.12
C HIS A 40 -2.24 0.58 11.70
N MET A 41 -1.08 0.81 11.08
CA MET A 41 -1.03 1.33 9.72
C MET A 41 -0.51 0.25 8.76
N VAL A 42 -0.91 0.35 7.50
CA VAL A 42 -0.50 -0.60 6.48
C VAL A 42 1.02 -0.80 6.51
N ALA A 43 1.74 0.26 6.88
CA ALA A 43 3.20 0.19 6.95
C ALA A 43 3.65 -0.87 7.93
N SER A 44 2.88 -1.07 9.00
CA SER A 44 3.20 -2.06 10.02
C SER A 44 2.39 -3.33 9.81
N CYS A 45 1.20 -3.19 9.24
CA CYS A 45 0.32 -4.33 8.99
C CYS A 45 1.14 -5.57 8.65
N PRO A 46 0.93 -6.64 9.43
CA PRO A 46 1.63 -7.92 9.24
C PRO A 46 1.18 -8.63 7.97
N LEU A 47 -0.13 -8.78 7.82
CA LEU A 47 -0.69 -9.46 6.64
C LEU A 47 0.01 -8.99 5.37
N LYS A 48 0.27 -7.70 5.28
CA LYS A 48 0.94 -7.13 4.11
C LYS A 48 2.21 -7.92 3.77
N ALA A 49 2.94 -8.31 4.80
CA ALA A 49 4.17 -9.08 4.61
C ALA A 49 3.86 -10.55 4.37
N GLN A 50 3.07 -11.13 5.26
CA GLN A 50 2.70 -12.55 5.14
C GLN A 50 2.49 -12.93 3.68
N GLN A 51 2.84 -14.17 3.35
CA GLN A 51 2.68 -14.65 1.98
C GLN A 51 1.28 -15.20 1.75
N GLY A 52 0.89 -15.31 0.48
CA GLY A 52 -0.43 -15.82 0.16
C GLY A 52 -0.70 -15.83 -1.34
N PRO A 53 -1.59 -16.72 -1.77
CA PRO A 53 -1.95 -16.85 -3.19
C PRO A 53 -2.75 -15.66 -3.71
N SER A 54 -2.92 -14.66 -2.85
CA SER A 54 -3.67 -13.46 -3.21
C SER A 54 -3.40 -13.07 -4.66
N ALA A 55 -4.47 -12.70 -5.37
CA ALA A 55 -4.35 -12.31 -6.77
C ALA A 55 -3.07 -11.49 -7.00
N GLN A 56 -2.90 -10.44 -6.21
CA GLN A 56 -1.73 -9.58 -6.33
C GLN A 56 -0.81 -9.73 -5.12
N GLY A 57 0.45 -10.10 -5.38
CA GLY A 57 1.40 -10.27 -4.30
C GLY A 57 2.83 -10.26 -4.80
N SER A 58 3.61 -11.26 -4.39
CA SER A 58 5.01 -11.36 -4.78
C SER A 58 5.16 -12.26 -6.01
N GLY A 59 6.26 -12.08 -6.74
CA GLY A 59 6.51 -12.88 -7.92
C GLY A 59 7.91 -12.68 -8.47
N PRO A 60 8.51 -13.77 -8.97
CA PRO A 60 9.87 -13.74 -9.53
C PRO A 60 9.92 -12.98 -10.86
N SER A 61 10.56 -11.82 -10.84
CA SER A 61 10.69 -10.98 -12.03
C SER A 61 11.70 -9.87 -11.81
N SER A 62 12.62 -9.72 -12.75
CA SER A 62 13.64 -8.69 -12.66
C SER A 62 13.68 -7.84 -13.93
N GLY A 63 13.86 -6.53 -13.76
CA GLY A 63 13.90 -5.63 -14.90
C GLY A 63 12.95 -6.04 -16.00
ZN ZN B . -2.40 11.02 -7.31
ZN ZN C . -3.84 -3.80 8.36
N GLY A 1 -20.73 12.34 -23.16
CA GLY A 1 -20.49 12.59 -21.74
C GLY A 1 -19.02 12.65 -21.41
N SER A 2 -18.65 12.03 -20.29
CA SER A 2 -17.25 12.03 -19.85
C SER A 2 -16.74 10.59 -19.73
N SER A 3 -16.07 10.12 -20.78
CA SER A 3 -15.53 8.77 -20.80
C SER A 3 -14.40 8.63 -19.79
N GLY A 4 -14.76 8.41 -18.53
CA GLY A 4 -13.77 8.26 -17.49
C GLY A 4 -13.39 6.82 -17.25
N SER A 5 -12.22 6.60 -16.66
CA SER A 5 -11.75 5.25 -16.37
C SER A 5 -12.69 4.53 -15.42
N SER A 6 -12.94 5.14 -14.27
CA SER A 6 -13.82 4.55 -13.26
C SER A 6 -13.37 3.14 -12.90
N GLY A 7 -12.07 2.97 -12.73
CA GLY A 7 -11.53 1.66 -12.38
C GLY A 7 -10.51 1.74 -11.26
N ASP A 8 -9.38 1.06 -11.45
CA ASP A 8 -8.32 1.05 -10.45
C ASP A 8 -7.32 2.17 -10.71
N ARG A 9 -7.48 3.28 -10.00
CA ARG A 9 -6.59 4.43 -10.15
C ARG A 9 -6.21 5.02 -8.80
N CYS A 10 -5.17 5.85 -8.78
CA CYS A 10 -4.71 6.47 -7.54
C CYS A 10 -5.88 7.07 -6.77
N TYR A 11 -6.00 6.69 -5.50
CA TYR A 11 -7.07 7.18 -4.65
C TYR A 11 -6.62 8.41 -3.87
N ASN A 12 -5.84 9.26 -4.53
CA ASN A 12 -5.35 10.49 -3.90
C ASN A 12 -5.62 11.70 -4.77
N CYS A 13 -5.09 11.67 -6.00
CA CYS A 13 -5.28 12.77 -6.94
C CYS A 13 -6.16 12.34 -8.11
N GLY A 14 -5.86 11.16 -8.66
CA GLY A 14 -6.64 10.66 -9.78
C GLY A 14 -5.78 10.43 -11.01
N GLY A 15 -4.61 9.84 -10.81
CA GLY A 15 -3.71 9.57 -11.92
C GLY A 15 -3.90 8.19 -12.50
N LEU A 16 -3.73 8.07 -13.82
CA LEU A 16 -3.89 6.78 -14.49
C LEU A 16 -2.52 6.13 -14.74
N ASP A 17 -1.54 6.95 -15.09
CA ASP A 17 -0.20 6.47 -15.36
C ASP A 17 0.47 5.97 -14.08
N HIS A 18 0.46 6.80 -13.05
CA HIS A 18 1.07 6.44 -11.77
C HIS A 18 0.02 5.84 -10.83
N HIS A 19 0.49 5.10 -9.82
CA HIS A 19 -0.41 4.48 -8.86
C HIS A 19 -0.45 5.29 -7.56
N ALA A 20 -1.45 5.00 -6.73
CA ALA A 20 -1.61 5.69 -5.46
C ALA A 20 -0.31 5.67 -4.66
N LYS A 21 0.25 4.48 -4.49
CA LYS A 21 1.50 4.31 -3.74
C LYS A 21 2.61 5.16 -4.35
N GLU A 22 2.80 5.03 -5.65
CA GLU A 22 3.84 5.78 -6.35
C GLU A 22 3.63 7.29 -6.18
N CYS A 23 2.39 7.72 -6.29
CA CYS A 23 2.05 9.13 -6.15
C CYS A 23 2.92 9.79 -5.08
N LYS A 24 3.15 11.09 -5.24
CA LYS A 24 3.98 11.84 -4.30
C LYS A 24 3.10 12.63 -3.33
N LEU A 25 2.03 13.23 -3.85
CA LEU A 25 1.12 14.02 -3.02
C LEU A 25 0.91 13.35 -1.67
N PRO A 26 0.53 14.16 -0.67
CA PRO A 26 0.28 13.68 0.69
C PRO A 26 -0.98 12.81 0.78
N PRO A 27 -0.82 11.60 1.33
CA PRO A 27 -1.93 10.66 1.49
C PRO A 27 -2.93 11.11 2.54
N GLN A 28 -4.00 10.33 2.71
CA GLN A 28 -5.04 10.66 3.69
C GLN A 28 -4.85 9.85 4.97
N PRO A 29 -5.29 10.44 6.10
CA PRO A 29 -5.18 9.79 7.41
C PRO A 29 -6.12 8.59 7.54
N LYS A 30 -6.71 8.18 6.43
CA LYS A 30 -7.63 7.05 6.42
C LYS A 30 -6.96 5.80 7.02
N LYS A 31 -7.74 4.75 7.19
CA LYS A 31 -7.24 3.50 7.75
C LYS A 31 -6.25 2.84 6.78
N CYS A 32 -5.48 1.89 7.31
CA CYS A 32 -4.50 1.18 6.49
C CYS A 32 -5.18 0.40 5.36
N HIS A 33 -4.93 0.81 4.13
CA HIS A 33 -5.53 0.16 2.97
C HIS A 33 -4.80 -1.15 2.65
N PHE A 34 -4.43 -1.87 3.70
CA PHE A 34 -3.72 -3.14 3.53
C PHE A 34 -4.30 -4.21 4.44
N CYS A 35 -4.46 -3.87 5.71
CA CYS A 35 -5.01 -4.81 6.69
C CYS A 35 -6.05 -4.12 7.57
N GLN A 36 -6.68 -3.09 7.03
CA GLN A 36 -7.70 -2.34 7.77
C GLN A 36 -7.32 -2.21 9.24
N SER A 37 -6.06 -1.88 9.49
CA SER A 37 -5.56 -1.71 10.85
C SER A 37 -5.59 -0.25 11.27
N ILE A 38 -6.42 0.07 12.25
CA ILE A 38 -6.54 1.43 12.74
C ILE A 38 -5.42 1.77 13.72
N SER A 39 -4.38 0.94 13.72
CA SER A 39 -3.23 1.14 14.61
C SER A 39 -2.08 1.79 13.87
N HIS A 40 -1.52 1.05 12.90
CA HIS A 40 -0.40 1.56 12.11
C HIS A 40 -0.88 2.07 10.76
N MET A 41 0.05 2.60 9.97
CA MET A 41 -0.28 3.13 8.65
C MET A 41 0.32 2.24 7.55
N VAL A 42 -0.39 2.15 6.43
CA VAL A 42 0.06 1.34 5.31
C VAL A 42 1.54 1.60 5.00
N ALA A 43 2.02 2.77 5.38
CA ALA A 43 3.41 3.14 5.16
C ALA A 43 4.35 2.33 6.05
N SER A 44 3.89 2.05 7.27
CA SER A 44 4.69 1.28 8.22
C SER A 44 4.25 -0.18 8.25
N CYS A 45 3.04 -0.43 7.75
CA CYS A 45 2.50 -1.78 7.72
C CYS A 45 3.58 -2.79 7.40
N PRO A 46 3.78 -3.76 8.31
CA PRO A 46 4.79 -4.81 8.15
C PRO A 46 4.42 -5.80 7.06
N LEU A 47 3.20 -6.32 7.12
CA LEU A 47 2.72 -7.28 6.14
C LEU A 47 3.04 -6.81 4.72
N LYS A 48 2.94 -5.51 4.49
CA LYS A 48 3.22 -4.94 3.18
C LYS A 48 4.57 -5.42 2.66
N ALA A 49 5.57 -5.43 3.52
CA ALA A 49 6.91 -5.87 3.16
C ALA A 49 6.85 -7.12 2.29
N GLN A 50 6.13 -8.14 2.76
CA GLN A 50 5.99 -9.39 2.03
C GLN A 50 5.44 -9.14 0.64
N GLN A 51 6.33 -8.98 -0.34
CA GLN A 51 5.92 -8.74 -1.72
C GLN A 51 5.83 -10.06 -2.49
N GLY A 52 5.28 -9.99 -3.69
CA GLY A 52 5.14 -11.17 -4.53
C GLY A 52 4.03 -12.09 -4.05
N PRO A 53 3.66 -13.07 -4.88
CA PRO A 53 2.61 -14.03 -4.56
C PRO A 53 3.01 -14.99 -3.46
N SER A 54 4.23 -14.82 -2.94
CA SER A 54 4.74 -15.69 -1.88
C SER A 54 4.90 -14.90 -0.58
N ALA A 55 4.07 -15.23 0.40
CA ALA A 55 4.12 -14.56 1.70
C ALA A 55 3.83 -15.53 2.83
N GLN A 56 4.79 -15.70 3.73
CA GLN A 56 4.62 -16.61 4.87
C GLN A 56 4.52 -18.06 4.40
N GLY A 57 5.39 -18.44 3.47
CA GLY A 57 5.36 -19.80 2.94
C GLY A 57 4.26 -20.01 1.92
N SER A 58 4.58 -19.79 0.66
CA SER A 58 3.62 -19.95 -0.42
C SER A 58 3.03 -21.36 -0.43
N GLY A 59 1.71 -21.44 -0.37
CA GLY A 59 1.05 -22.74 -0.36
C GLY A 59 0.15 -22.93 0.84
N PRO A 60 -1.12 -22.54 0.70
CA PRO A 60 -2.11 -22.66 1.77
C PRO A 60 -2.48 -24.12 2.06
N SER A 61 -1.89 -24.68 3.11
CA SER A 61 -2.16 -26.05 3.49
C SER A 61 -2.96 -26.12 4.79
N SER A 62 -4.25 -26.38 4.67
CA SER A 62 -5.13 -26.46 5.82
C SER A 62 -6.07 -27.65 5.72
N GLY A 63 -5.91 -28.62 6.61
CA GLY A 63 -6.74 -29.81 6.60
C GLY A 63 -6.51 -30.69 7.81
ZN ZN B . -2.03 10.37 -7.39
ZN ZN C . -1.66 -2.66 7.56
N GLY A 1 -12.24 5.61 -24.73
CA GLY A 1 -10.98 5.13 -25.28
C GLY A 1 -10.06 4.57 -24.21
N SER A 2 -10.40 3.40 -23.68
CA SER A 2 -9.60 2.76 -22.65
C SER A 2 -8.70 1.69 -23.25
N SER A 3 -7.40 1.88 -23.11
CA SER A 3 -6.43 0.93 -23.65
C SER A 3 -6.22 -0.24 -22.67
N GLY A 4 -6.56 -1.44 -23.14
CA GLY A 4 -6.42 -2.62 -22.30
C GLY A 4 -7.41 -2.65 -21.15
N SER A 5 -7.05 -3.35 -20.09
CA SER A 5 -7.92 -3.47 -18.93
C SER A 5 -7.28 -2.79 -17.70
N SER A 6 -8.00 -1.84 -17.13
CA SER A 6 -7.50 -1.11 -15.96
C SER A 6 -8.64 -0.81 -14.99
N GLY A 7 -8.31 -0.76 -13.71
CA GLY A 7 -9.31 -0.49 -12.68
C GLY A 7 -8.73 0.19 -11.46
N ASP A 8 -8.28 -0.62 -10.50
CA ASP A 8 -7.70 -0.10 -9.27
C ASP A 8 -6.64 0.96 -9.58
N ARG A 9 -6.96 2.21 -9.31
CA ARG A 9 -6.04 3.32 -9.56
C ARG A 9 -5.70 4.05 -8.26
N CYS A 10 -4.70 4.91 -8.32
CA CYS A 10 -4.26 5.67 -7.15
C CYS A 10 -5.47 6.23 -6.40
N TYR A 11 -5.70 5.73 -5.20
CA TYR A 11 -6.82 6.18 -4.37
C TYR A 11 -6.46 7.46 -3.63
N ASN A 12 -5.77 8.37 -4.31
CA ASN A 12 -5.37 9.63 -3.71
C ASN A 12 -5.72 10.80 -4.63
N CYS A 13 -5.22 10.75 -5.87
CA CYS A 13 -5.47 11.80 -6.84
C CYS A 13 -6.26 11.26 -8.02
N GLY A 14 -5.87 10.10 -8.52
CA GLY A 14 -6.55 9.49 -9.65
C GLY A 14 -5.61 9.24 -10.82
N GLY A 15 -4.37 8.87 -10.53
CA GLY A 15 -3.41 8.62 -11.57
C GLY A 15 -3.48 7.20 -12.10
N LEU A 16 -3.31 7.06 -13.41
CA LEU A 16 -3.36 5.74 -14.05
C LEU A 16 -1.95 5.18 -14.27
N ASP A 17 -1.05 6.06 -14.70
CA ASP A 17 0.34 5.66 -14.94
C ASP A 17 1.04 5.27 -13.64
N HIS A 18 1.04 6.19 -12.68
CA HIS A 18 1.67 5.95 -11.39
C HIS A 18 0.68 5.31 -10.41
N HIS A 19 1.21 4.69 -9.36
CA HIS A 19 0.37 4.06 -8.36
C HIS A 19 0.24 4.94 -7.12
N ALA A 20 -0.74 4.64 -6.28
CA ALA A 20 -0.98 5.40 -5.06
C ALA A 20 0.31 5.55 -4.25
N LYS A 21 0.92 4.43 -3.91
CA LYS A 21 2.16 4.42 -3.13
C LYS A 21 3.20 5.34 -3.78
N GLU A 22 3.46 5.13 -5.06
CA GLU A 22 4.42 5.93 -5.80
C GLU A 22 4.05 7.41 -5.75
N CYS A 23 2.75 7.69 -5.86
CA CYS A 23 2.26 9.06 -5.83
C CYS A 23 3.06 9.91 -4.84
N LYS A 24 3.08 11.21 -5.07
CA LYS A 24 3.80 12.14 -4.21
C LYS A 24 2.85 12.83 -3.23
N LEU A 25 1.67 13.17 -3.71
CA LEU A 25 0.67 13.84 -2.88
C LEU A 25 0.61 13.21 -1.49
N PRO A 26 0.11 13.99 -0.52
CA PRO A 26 -0.01 13.53 0.87
C PRO A 26 -1.08 12.44 1.03
N PRO A 27 -0.66 11.26 1.52
CA PRO A 27 -1.56 10.14 1.74
C PRO A 27 -2.54 10.38 2.89
N GLN A 28 -3.78 10.71 2.55
CA GLN A 28 -4.81 10.97 3.55
C GLN A 28 -4.64 10.05 4.75
N PRO A 29 -5.07 10.53 5.93
CA PRO A 29 -4.97 9.76 7.18
C PRO A 29 -5.93 8.58 7.20
N LYS A 30 -6.47 8.24 6.03
CA LYS A 30 -7.40 7.13 5.92
C LYS A 30 -6.93 5.92 6.74
N LYS A 31 -7.83 4.97 6.96
CA LYS A 31 -7.51 3.77 7.73
C LYS A 31 -6.16 3.20 7.29
N CYS A 32 -5.68 2.22 8.05
CA CYS A 32 -4.40 1.58 7.75
C CYS A 32 -4.52 0.67 6.52
N HIS A 33 -3.82 1.03 5.45
CA HIS A 33 -3.86 0.24 4.23
C HIS A 33 -2.88 -0.93 4.31
N PHE A 34 -2.81 -1.55 5.49
CA PHE A 34 -1.92 -2.69 5.70
C PHE A 34 -2.65 -3.82 6.43
N CYS A 35 -3.20 -3.50 7.60
CA CYS A 35 -3.93 -4.49 8.40
C CYS A 35 -5.32 -3.98 8.76
N GLN A 36 -5.83 -3.06 7.95
CA GLN A 36 -7.15 -2.49 8.18
C GLN A 36 -7.41 -2.31 9.67
N SER A 37 -6.46 -1.68 10.37
CA SER A 37 -6.58 -1.45 11.80
C SER A 37 -7.13 -0.06 12.08
N ILE A 38 -8.45 0.08 11.97
CA ILE A 38 -9.10 1.36 12.21
C ILE A 38 -8.51 2.06 13.43
N SER A 39 -7.91 1.28 14.32
CA SER A 39 -7.31 1.82 15.54
C SER A 39 -6.12 2.70 15.20
N HIS A 40 -5.04 2.09 14.70
CA HIS A 40 -3.83 2.82 14.33
C HIS A 40 -3.78 3.05 12.83
N MET A 41 -2.73 3.73 12.38
CA MET A 41 -2.56 4.02 10.96
C MET A 41 -1.38 3.24 10.38
N VAL A 42 -1.17 3.38 9.08
CA VAL A 42 -0.07 2.68 8.41
C VAL A 42 1.27 3.28 8.79
N ALA A 43 1.29 4.58 9.07
CA ALA A 43 2.51 5.27 9.45
C ALA A 43 2.99 4.83 10.82
N SER A 44 2.05 4.44 11.67
CA SER A 44 2.38 3.99 13.03
C SER A 44 2.39 2.47 13.11
N CYS A 45 1.59 1.83 12.25
CA CYS A 45 1.51 0.38 12.22
C CYS A 45 2.86 -0.25 12.56
N PRO A 46 2.88 -1.14 13.55
CA PRO A 46 4.09 -1.84 13.98
C PRO A 46 4.58 -2.84 12.94
N LEU A 47 3.65 -3.60 12.38
CA LEU A 47 3.99 -4.60 11.36
C LEU A 47 4.83 -3.99 10.25
N LYS A 48 4.53 -2.74 9.92
CA LYS A 48 5.26 -2.03 8.86
C LYS A 48 6.52 -1.38 9.42
N ALA A 49 6.35 -0.61 10.51
CA ALA A 49 7.48 0.07 11.13
C ALA A 49 8.56 -0.93 11.55
N GLN A 50 8.20 -1.82 12.48
CA GLN A 50 9.15 -2.81 12.97
C GLN A 50 9.28 -3.97 11.98
N GLN A 51 10.20 -3.81 11.03
CA GLN A 51 10.42 -4.84 10.01
C GLN A 51 11.64 -5.70 10.37
N GLY A 52 12.67 -5.05 10.88
CA GLY A 52 13.89 -5.76 11.25
C GLY A 52 14.50 -5.23 12.53
N PRO A 53 15.68 -5.77 12.88
CA PRO A 53 16.39 -5.37 14.11
C PRO A 53 16.96 -3.95 13.99
N SER A 54 17.60 -3.66 12.86
CA SER A 54 18.19 -2.35 12.63
C SER A 54 17.55 -1.67 11.42
N ALA A 55 17.37 -0.36 11.52
CA ALA A 55 16.77 0.42 10.44
C ALA A 55 17.84 1.02 9.54
N GLN A 56 17.81 0.63 8.26
CA GLN A 56 18.79 1.13 7.29
C GLN A 56 18.17 2.22 6.43
N GLY A 57 18.65 3.45 6.59
CA GLY A 57 18.13 4.56 5.82
C GLY A 57 18.39 4.40 4.33
N SER A 58 17.32 4.35 3.55
CA SER A 58 17.44 4.18 2.10
C SER A 58 16.63 5.24 1.37
N GLY A 59 17.20 5.78 0.30
CA GLY A 59 16.52 6.81 -0.47
C GLY A 59 16.84 6.73 -1.95
N PRO A 60 16.51 7.80 -2.68
CA PRO A 60 16.76 7.88 -4.13
C PRO A 60 18.25 7.98 -4.45
N SER A 61 19.08 7.98 -3.42
CA SER A 61 20.53 8.08 -3.59
C SER A 61 21.20 6.74 -3.32
N SER A 62 21.87 6.20 -4.33
CA SER A 62 22.56 4.92 -4.21
C SER A 62 23.95 4.98 -4.84
N GLY A 63 24.87 4.18 -4.31
CA GLY A 63 26.22 4.16 -4.83
C GLY A 63 26.32 3.43 -6.16
ZN ZN B . -1.83 9.78 -7.25
ZN ZN C . -1.79 -1.65 10.36
N GLY A 1 -23.85 -4.34 -11.90
CA GLY A 1 -23.44 -3.60 -10.73
C GLY A 1 -21.95 -3.78 -10.43
N SER A 2 -21.58 -4.98 -10.03
CA SER A 2 -20.19 -5.28 -9.71
C SER A 2 -19.70 -6.52 -10.46
N SER A 3 -19.09 -6.31 -11.62
CA SER A 3 -18.60 -7.41 -12.44
C SER A 3 -17.35 -6.99 -13.22
N GLY A 4 -16.26 -7.71 -13.02
CA GLY A 4 -15.02 -7.38 -13.71
C GLY A 4 -13.80 -7.63 -12.86
N SER A 5 -13.00 -6.59 -12.66
CA SER A 5 -11.78 -6.70 -11.86
C SER A 5 -11.74 -5.62 -10.79
N SER A 6 -10.80 -5.75 -9.86
CA SER A 6 -10.65 -4.79 -8.77
C SER A 6 -9.53 -3.80 -9.08
N GLY A 7 -8.37 -4.32 -9.43
CA GLY A 7 -7.23 -3.47 -9.74
C GLY A 7 -6.95 -2.46 -8.65
N ASP A 8 -6.02 -2.81 -7.75
CA ASP A 8 -5.65 -1.93 -6.66
C ASP A 8 -5.24 -0.56 -7.16
N ARG A 9 -6.10 0.44 -6.96
CA ARG A 9 -5.81 1.79 -7.40
C ARG A 9 -5.36 2.67 -6.23
N CYS A 10 -4.51 3.64 -6.53
CA CYS A 10 -3.99 4.54 -5.50
C CYS A 10 -5.12 5.08 -4.63
N TYR A 11 -5.01 4.87 -3.32
CA TYR A 11 -6.02 5.32 -2.38
C TYR A 11 -5.75 6.76 -1.94
N ASN A 12 -5.25 7.57 -2.87
CA ASN A 12 -4.95 8.97 -2.58
C ASN A 12 -5.55 9.89 -3.63
N CYS A 13 -5.28 9.58 -4.90
CA CYS A 13 -5.80 10.38 -6.00
C CYS A 13 -6.59 9.51 -6.97
N GLY A 14 -6.04 8.34 -7.30
CA GLY A 14 -6.71 7.44 -8.22
C GLY A 14 -5.93 7.24 -9.51
N GLY A 15 -4.61 7.12 -9.38
CA GLY A 15 -3.77 6.92 -10.56
C GLY A 15 -3.51 5.46 -10.85
N LEU A 16 -3.79 5.04 -12.07
CA LEU A 16 -3.60 3.66 -12.49
C LEU A 16 -2.13 3.40 -12.81
N ASP A 17 -1.53 4.30 -13.59
CA ASP A 17 -0.13 4.17 -13.97
C ASP A 17 0.77 4.06 -12.74
N HIS A 18 0.61 5.02 -11.83
CA HIS A 18 1.41 5.03 -10.61
C HIS A 18 0.66 4.37 -9.45
N HIS A 19 1.40 3.90 -8.45
CA HIS A 19 0.80 3.25 -7.30
C HIS A 19 0.70 4.22 -6.12
N ALA A 20 -0.19 3.91 -5.18
CA ALA A 20 -0.38 4.75 -4.00
C ALA A 20 0.94 5.08 -3.35
N LYS A 21 1.82 4.09 -3.24
CA LYS A 21 3.12 4.27 -2.63
C LYS A 21 3.96 5.28 -3.42
N GLU A 22 4.17 4.99 -4.71
CA GLU A 22 4.95 5.86 -5.57
C GLU A 22 4.39 7.27 -5.55
N CYS A 23 3.07 7.39 -5.62
CA CYS A 23 2.41 8.68 -5.61
C CYS A 23 3.17 9.68 -4.75
N LYS A 24 3.10 10.96 -5.12
CA LYS A 24 3.79 12.01 -4.39
C LYS A 24 2.83 12.74 -3.45
N LEU A 25 1.62 13.01 -3.95
CA LEU A 25 0.61 13.70 -3.15
C LEU A 25 0.66 13.25 -1.70
N PRO A 26 0.14 14.10 -0.79
CA PRO A 26 0.12 13.80 0.65
C PRO A 26 -0.87 12.69 1.00
N PRO A 27 -0.40 11.70 1.77
CA PRO A 27 -1.22 10.57 2.19
C PRO A 27 -2.31 10.97 3.18
N GLN A 28 -3.54 10.57 2.91
CA GLN A 28 -4.66 10.89 3.77
C GLN A 28 -4.66 10.01 5.02
N PRO A 29 -5.27 10.51 6.10
CA PRO A 29 -5.34 9.78 7.37
C PRO A 29 -6.27 8.57 7.29
N LYS A 30 -6.56 8.13 6.07
CA LYS A 30 -7.43 6.99 5.85
C LYS A 30 -7.05 5.83 6.77
N LYS A 31 -7.86 4.77 6.75
CA LYS A 31 -7.60 3.60 7.57
C LYS A 31 -6.35 2.85 7.10
N CYS A 32 -5.67 2.21 8.04
CA CYS A 32 -4.46 1.47 7.72
C CYS A 32 -4.69 0.53 6.53
N HIS A 33 -3.88 0.69 5.50
CA HIS A 33 -4.00 -0.14 4.30
C HIS A 33 -3.20 -1.43 4.46
N PHE A 34 -3.24 -2.00 5.66
CA PHE A 34 -2.53 -3.24 5.94
C PHE A 34 -3.41 -4.22 6.72
N CYS A 35 -4.03 -3.72 7.79
CA CYS A 35 -4.90 -4.54 8.62
C CYS A 35 -6.23 -3.83 8.88
N GLN A 36 -6.54 -2.86 8.04
CA GLN A 36 -7.79 -2.11 8.17
C GLN A 36 -7.99 -1.65 9.60
N SER A 37 -6.89 -1.28 10.26
CA SER A 37 -6.96 -0.83 11.65
C SER A 37 -7.10 0.69 11.72
N ILE A 38 -8.34 1.17 11.63
CA ILE A 38 -8.61 2.60 11.68
C ILE A 38 -7.93 3.24 12.88
N SER A 39 -7.57 2.42 13.86
CA SER A 39 -6.90 2.91 15.07
C SER A 39 -5.54 3.52 14.73
N HIS A 40 -4.58 2.67 14.42
CA HIS A 40 -3.24 3.12 14.08
C HIS A 40 -3.07 3.26 12.57
N MET A 41 -1.94 3.80 12.15
CA MET A 41 -1.66 3.99 10.73
C MET A 41 -0.61 3.00 10.24
N VAL A 42 -0.67 2.67 8.95
CA VAL A 42 0.28 1.74 8.36
C VAL A 42 1.71 2.09 8.73
N ALA A 43 1.95 3.37 8.95
CA ALA A 43 3.28 3.85 9.32
C ALA A 43 3.71 3.31 10.67
N SER A 44 2.74 3.12 11.56
CA SER A 44 3.01 2.60 12.90
C SER A 44 2.70 1.11 12.99
N CYS A 45 1.82 0.65 12.10
CA CYS A 45 1.43 -0.76 12.08
C CYS A 45 2.62 -1.65 12.39
N PRO A 46 2.47 -2.51 13.41
CA PRO A 46 3.52 -3.44 13.83
C PRO A 46 3.76 -4.55 12.82
N LEU A 47 2.68 -5.07 12.25
CA LEU A 47 2.76 -6.14 11.27
C LEU A 47 3.72 -5.75 10.13
N LYS A 48 3.65 -4.50 9.71
CA LYS A 48 4.51 -4.00 8.65
C LYS A 48 5.93 -3.77 9.15
N ALA A 49 6.05 -2.96 10.20
CA ALA A 49 7.35 -2.66 10.79
C ALA A 49 8.17 -3.94 11.00
N GLN A 50 7.63 -4.86 11.79
CA GLN A 50 8.31 -6.11 12.08
C GLN A 50 8.77 -6.78 10.78
N GLN A 51 10.01 -7.28 10.80
CA GLN A 51 10.58 -7.94 9.63
C GLN A 51 10.17 -9.41 9.58
N GLY A 52 9.01 -9.72 10.17
CA GLY A 52 8.53 -11.08 10.18
C GLY A 52 8.27 -11.59 11.59
N PRO A 53 9.27 -12.28 12.16
CA PRO A 53 9.17 -12.84 13.51
C PRO A 53 9.17 -11.75 14.59
N SER A 54 8.48 -12.02 15.69
CA SER A 54 8.39 -11.06 16.78
C SER A 54 9.77 -10.79 17.38
N ALA A 55 10.47 -9.80 16.83
CA ALA A 55 11.80 -9.44 17.30
C ALA A 55 11.77 -9.06 18.77
N GLN A 56 12.42 -9.86 19.60
CA GLN A 56 12.48 -9.59 21.04
C GLN A 56 13.33 -8.37 21.34
N GLY A 57 12.68 -7.23 21.50
CA GLY A 57 13.40 -6.00 21.79
C GLY A 57 12.80 -4.80 21.10
N SER A 58 12.87 -3.64 21.74
CA SER A 58 12.32 -2.40 21.19
C SER A 58 13.38 -1.65 20.41
N GLY A 59 12.95 -0.63 19.66
CA GLY A 59 13.87 0.16 18.86
C GLY A 59 13.19 1.34 18.18
N PRO A 60 12.84 2.36 18.97
CA PRO A 60 12.18 3.56 18.46
C PRO A 60 13.11 4.41 17.59
N SER A 61 14.34 3.94 17.43
CA SER A 61 15.33 4.67 16.63
C SER A 61 14.76 4.98 15.24
N SER A 62 14.98 6.23 14.80
CA SER A 62 14.49 6.66 13.50
C SER A 62 15.41 7.72 12.90
N GLY A 63 15.68 7.61 11.61
CA GLY A 63 16.54 8.57 10.94
C GLY A 63 15.77 9.53 10.06
ZN ZN B . -2.02 8.80 -6.33
ZN ZN C . -2.27 -1.96 10.37
N GLY A 1 -5.33 -1.05 -18.13
CA GLY A 1 -6.71 -1.05 -18.57
C GLY A 1 -7.67 -1.45 -17.48
N SER A 2 -8.88 -0.88 -17.51
CA SER A 2 -9.89 -1.19 -16.50
C SER A 2 -11.13 -1.80 -17.15
N SER A 3 -11.94 -2.48 -16.35
CA SER A 3 -13.15 -3.11 -16.84
C SER A 3 -14.38 -2.58 -16.12
N GLY A 4 -14.88 -1.43 -16.58
CA GLY A 4 -16.05 -0.83 -15.96
C GLY A 4 -15.78 0.58 -15.46
N SER A 5 -16.83 1.38 -15.40
CA SER A 5 -16.70 2.76 -14.94
C SER A 5 -15.68 2.87 -13.82
N SER A 6 -15.92 2.15 -12.73
CA SER A 6 -15.02 2.17 -11.59
C SER A 6 -13.71 1.46 -11.91
N GLY A 7 -12.62 2.22 -11.96
CA GLY A 7 -11.33 1.65 -12.26
C GLY A 7 -10.36 1.76 -11.10
N ASP A 8 -9.69 0.66 -10.78
CA ASP A 8 -8.73 0.64 -9.68
C ASP A 8 -7.54 1.54 -9.99
N ARG A 9 -7.57 2.76 -9.44
CA ARG A 9 -6.50 3.72 -9.65
C ARG A 9 -6.13 4.42 -8.36
N CYS A 10 -5.08 5.22 -8.40
CA CYS A 10 -4.62 5.96 -7.23
C CYS A 10 -5.80 6.57 -6.47
N TYR A 11 -5.94 6.17 -5.21
CA TYR A 11 -7.03 6.67 -4.37
C TYR A 11 -6.64 7.97 -3.69
N ASN A 12 -5.93 8.82 -4.42
CA ASN A 12 -5.49 10.11 -3.89
C ASN A 12 -5.80 11.25 -4.88
N CYS A 13 -5.21 11.17 -6.05
CA CYS A 13 -5.40 12.18 -7.08
C CYS A 13 -6.20 11.62 -8.26
N GLY A 14 -5.81 10.43 -8.71
CA GLY A 14 -6.49 9.80 -9.82
C GLY A 14 -5.56 9.52 -10.99
N GLY A 15 -4.33 9.11 -10.69
CA GLY A 15 -3.37 8.81 -11.72
C GLY A 15 -3.34 7.35 -12.10
N LEU A 16 -3.46 7.07 -13.39
CA LEU A 16 -3.46 5.69 -13.87
C LEU A 16 -2.02 5.19 -14.07
N ASP A 17 -1.18 6.04 -14.66
CA ASP A 17 0.21 5.69 -14.91
C ASP A 17 0.89 5.24 -13.62
N HIS A 18 0.79 6.06 -12.59
CA HIS A 18 1.40 5.76 -11.30
C HIS A 18 0.37 5.15 -10.34
N HIS A 19 0.87 4.50 -9.29
CA HIS A 19 -0.02 3.88 -8.30
C HIS A 19 -0.15 4.76 -7.06
N ALA A 20 -1.26 4.61 -6.35
CA ALA A 20 -1.50 5.39 -5.14
C ALA A 20 -0.25 5.48 -4.28
N LYS A 21 0.38 4.34 -4.03
CA LYS A 21 1.59 4.29 -3.22
C LYS A 21 2.70 5.13 -3.85
N GLU A 22 2.93 4.91 -5.14
CA GLU A 22 3.97 5.65 -5.85
C GLU A 22 3.72 7.15 -5.79
N CYS A 23 2.45 7.54 -5.92
CA CYS A 23 2.08 8.95 -5.88
C CYS A 23 2.95 9.71 -4.89
N LYS A 24 3.12 11.01 -5.14
CA LYS A 24 3.94 11.85 -4.28
C LYS A 24 3.06 12.65 -3.32
N LEU A 25 1.96 13.18 -3.83
CA LEU A 25 1.04 13.96 -3.03
C LEU A 25 0.85 13.35 -1.64
N PRO A 26 0.44 14.18 -0.67
CA PRO A 26 0.23 13.73 0.70
C PRO A 26 -0.98 12.82 0.84
N PRO A 27 -0.76 11.61 1.39
CA PRO A 27 -1.82 10.62 1.59
C PRO A 27 -2.81 11.05 2.66
N GLN A 28 -3.99 10.43 2.65
CA GLN A 28 -5.03 10.74 3.63
C GLN A 28 -4.82 9.93 4.91
N PRO A 29 -5.30 10.48 6.03
CA PRO A 29 -5.18 9.85 7.35
C PRO A 29 -6.05 8.60 7.47
N LYS A 30 -6.68 8.22 6.36
CA LYS A 30 -7.54 7.04 6.34
C LYS A 30 -6.86 5.85 7.01
N LYS A 31 -7.61 4.77 7.18
CA LYS A 31 -7.08 3.56 7.79
C LYS A 31 -6.69 2.53 6.74
N CYS A 32 -6.03 1.47 7.17
CA CYS A 32 -5.60 0.41 6.27
C CYS A 32 -6.60 0.21 5.14
N HIS A 33 -6.17 0.45 3.91
CA HIS A 33 -7.03 0.30 2.75
C HIS A 33 -7.08 -1.16 2.29
N PHE A 34 -7.03 -2.07 3.25
CA PHE A 34 -7.07 -3.50 2.95
C PHE A 34 -8.09 -4.21 3.84
N CYS A 35 -7.90 -4.08 5.15
CA CYS A 35 -8.80 -4.71 6.11
C CYS A 35 -9.37 -3.68 7.08
N GLN A 36 -9.51 -2.45 6.61
CA GLN A 36 -10.05 -1.37 7.44
C GLN A 36 -9.63 -1.55 8.90
N SER A 37 -8.37 -1.93 9.11
CA SER A 37 -7.85 -2.12 10.46
C SER A 37 -7.17 -0.86 10.97
N ILE A 38 -7.97 0.03 11.56
CA ILE A 38 -7.44 1.29 12.09
C ILE A 38 -6.21 1.03 12.95
N SER A 39 -6.11 -0.17 13.51
CA SER A 39 -4.98 -0.53 14.35
C SER A 39 -3.66 -0.36 13.61
N HIS A 40 -3.35 -1.31 12.73
CA HIS A 40 -2.12 -1.27 11.95
C HIS A 40 -2.37 -0.59 10.60
N MET A 41 -1.30 -0.44 9.82
CA MET A 41 -1.39 0.19 8.51
C MET A 41 -1.22 -0.84 7.40
N VAL A 42 -1.58 -0.44 6.18
CA VAL A 42 -1.47 -1.34 5.03
C VAL A 42 -0.02 -1.74 4.78
N ALA A 43 0.90 -0.83 5.10
CA ALA A 43 2.33 -1.09 4.92
C ALA A 43 2.80 -2.23 5.81
N SER A 44 2.14 -2.40 6.95
CA SER A 44 2.48 -3.45 7.89
C SER A 44 1.54 -4.64 7.75
N CYS A 45 0.31 -4.37 7.32
CA CYS A 45 -0.69 -5.41 7.15
C CYS A 45 -0.05 -6.69 6.61
N PRO A 46 -0.39 -7.83 7.23
CA PRO A 46 0.14 -9.13 6.84
C PRO A 46 -0.41 -9.60 5.50
N LEU A 47 -1.73 -9.49 5.34
CA LEU A 47 -2.39 -9.91 4.10
C LEU A 47 -1.65 -9.36 2.88
N LYS A 48 -1.27 -8.09 2.95
CA LYS A 48 -0.54 -7.45 1.86
C LYS A 48 0.61 -8.32 1.38
N ALA A 49 1.33 -8.92 2.34
CA ALA A 49 2.45 -9.79 2.01
C ALA A 49 1.99 -11.18 1.62
N GLN A 50 0.98 -11.24 0.75
CA GLN A 50 0.44 -12.51 0.29
C GLN A 50 1.54 -13.55 0.09
N GLN A 51 2.54 -13.19 -0.70
CA GLN A 51 3.66 -14.08 -0.97
C GLN A 51 4.06 -14.84 0.29
N GLY A 52 4.53 -16.08 0.11
CA GLY A 52 4.93 -16.88 1.24
C GLY A 52 5.14 -18.35 0.87
N PRO A 53 5.85 -19.08 1.73
CA PRO A 53 6.14 -20.50 1.51
C PRO A 53 4.90 -21.37 1.64
N SER A 54 4.41 -21.87 0.50
CA SER A 54 3.23 -22.72 0.49
C SER A 54 3.61 -24.19 0.30
N ALA A 55 3.72 -24.91 1.40
CA ALA A 55 4.06 -26.33 1.35
C ALA A 55 2.87 -27.18 0.93
N GLN A 56 2.76 -27.43 -0.37
CA GLN A 56 1.66 -28.24 -0.90
C GLN A 56 1.73 -29.66 -0.37
N GLY A 57 2.87 -30.32 -0.60
CA GLY A 57 3.04 -31.69 -0.14
C GLY A 57 3.94 -32.50 -1.06
N SER A 58 3.72 -32.35 -2.36
CA SER A 58 4.51 -33.09 -3.35
C SER A 58 5.96 -33.21 -2.90
N GLY A 59 6.54 -32.08 -2.48
CA GLY A 59 7.92 -32.09 -2.04
C GLY A 59 8.57 -30.72 -2.16
N PRO A 60 8.38 -29.88 -1.14
CA PRO A 60 8.95 -28.52 -1.10
C PRO A 60 10.46 -28.53 -0.95
N SER A 61 11.07 -27.36 -1.12
CA SER A 61 12.52 -27.23 -1.01
C SER A 61 12.90 -26.45 0.24
N SER A 62 12.46 -25.20 0.31
CA SER A 62 12.76 -24.34 1.45
C SER A 62 14.17 -24.60 1.98
N GLY A 63 15.11 -24.74 1.05
CA GLY A 63 16.49 -24.99 1.44
C GLY A 63 16.65 -26.28 2.21
ZN ZN B . -1.95 9.92 -7.29
ZN ZN C . -4.86 -4.36 7.09
N GLY A 1 -2.31 3.29 -25.00
CA GLY A 1 -2.22 1.90 -24.62
C GLY A 1 -3.48 1.12 -24.95
N SER A 2 -4.23 0.74 -23.92
CA SER A 2 -5.45 -0.02 -24.12
C SER A 2 -6.59 0.57 -23.29
N SER A 3 -7.69 0.91 -23.97
CA SER A 3 -8.84 1.50 -23.30
C SER A 3 -9.91 0.43 -23.03
N GLY A 4 -10.73 0.67 -22.01
CA GLY A 4 -11.78 -0.28 -21.66
C GLY A 4 -12.31 -0.05 -20.26
N SER A 5 -11.67 -0.67 -19.28
CA SER A 5 -12.09 -0.53 -17.89
C SER A 5 -10.99 -0.99 -16.93
N SER A 6 -10.81 -0.24 -15.86
CA SER A 6 -9.79 -0.57 -14.87
C SER A 6 -10.35 -0.50 -13.45
N GLY A 7 -9.61 -1.05 -12.50
CA GLY A 7 -10.06 -1.03 -11.11
C GLY A 7 -9.03 -0.41 -10.18
N ASP A 8 -7.76 -0.76 -10.39
CA ASP A 8 -6.68 -0.22 -9.56
C ASP A 8 -6.47 1.26 -9.83
N ARG A 9 -6.99 2.10 -8.93
CA ARG A 9 -6.85 3.54 -9.07
C ARG A 9 -6.36 4.17 -7.77
N CYS A 10 -5.48 5.16 -7.89
CA CYS A 10 -4.93 5.84 -6.72
C CYS A 10 -6.04 6.43 -5.87
N TYR A 11 -6.15 5.95 -4.64
CA TYR A 11 -7.18 6.43 -3.72
C TYR A 11 -6.71 7.69 -2.99
N ASN A 12 -6.10 8.59 -3.73
CA ASN A 12 -5.61 9.84 -3.16
C ASN A 12 -5.98 11.03 -4.04
N CYS A 13 -5.55 10.99 -5.30
CA CYS A 13 -5.84 12.06 -6.25
C CYS A 13 -6.73 11.56 -7.37
N GLY A 14 -6.38 10.40 -7.93
CA GLY A 14 -7.17 9.84 -9.02
C GLY A 14 -6.34 9.60 -10.26
N GLY A 15 -5.12 9.10 -10.08
CA GLY A 15 -4.24 8.84 -11.20
C GLY A 15 -4.45 7.44 -11.77
N LEU A 16 -4.36 7.34 -13.10
CA LEU A 16 -4.54 6.05 -13.77
C LEU A 16 -3.19 5.44 -14.13
N ASP A 17 -2.24 6.29 -14.50
CA ASP A 17 -0.90 5.82 -14.87
C ASP A 17 -0.11 5.41 -13.64
N HIS A 18 -0.06 6.29 -12.64
CA HIS A 18 0.66 6.02 -11.41
C HIS A 18 -0.27 5.38 -10.37
N HIS A 19 0.33 4.65 -9.42
CA HIS A 19 -0.45 4.00 -8.38
C HIS A 19 -0.41 4.81 -7.08
N ALA A 20 -1.45 4.65 -6.26
CA ALA A 20 -1.54 5.37 -5.00
C ALA A 20 -0.20 5.35 -4.26
N LYS A 21 0.43 4.18 -4.22
CA LYS A 21 1.72 4.03 -3.55
C LYS A 21 2.77 4.93 -4.17
N GLU A 22 2.88 4.89 -5.50
CA GLU A 22 3.84 5.70 -6.21
C GLU A 22 3.54 7.19 -6.03
N CYS A 23 2.26 7.54 -6.07
CA CYS A 23 1.84 8.93 -5.91
C CYS A 23 2.75 9.65 -4.92
N LYS A 24 2.93 10.95 -5.13
CA LYS A 24 3.77 11.76 -4.26
C LYS A 24 2.94 12.55 -3.27
N LEU A 25 1.83 13.13 -3.76
CA LEU A 25 0.94 13.91 -2.91
C LEU A 25 0.79 13.27 -1.53
N PRO A 26 0.45 14.09 -0.53
CA PRO A 26 0.27 13.62 0.84
C PRO A 26 -0.97 12.75 1.00
N PRO A 27 -0.77 11.48 1.39
CA PRO A 27 -1.86 10.53 1.59
C PRO A 27 -2.71 10.86 2.80
N GLN A 28 -4.00 11.11 2.57
CA GLN A 28 -4.92 11.44 3.65
C GLN A 28 -4.88 10.38 4.75
N PRO A 29 -5.21 10.80 5.98
CA PRO A 29 -5.22 9.90 7.14
C PRO A 29 -6.36 8.88 7.07
N LYS A 30 -6.15 7.83 6.29
CA LYS A 30 -7.15 6.78 6.13
C LYS A 30 -6.85 5.59 7.05
N LYS A 31 -7.65 4.55 6.94
CA LYS A 31 -7.47 3.35 7.76
C LYS A 31 -6.33 2.49 7.21
N CYS A 32 -5.73 1.68 8.08
CA CYS A 32 -4.64 0.80 7.68
C CYS A 32 -5.03 -0.05 6.49
N HIS A 33 -4.36 0.15 5.36
CA HIS A 33 -4.64 -0.61 4.15
C HIS A 33 -3.90 -1.94 4.16
N PHE A 34 -3.73 -2.52 5.35
CA PHE A 34 -3.03 -3.79 5.50
C PHE A 34 -3.89 -4.79 6.26
N CYS A 35 -4.33 -4.40 7.45
CA CYS A 35 -5.16 -5.25 8.28
C CYS A 35 -6.45 -4.55 8.69
N GLN A 36 -6.86 -3.57 7.88
CA GLN A 36 -8.09 -2.82 8.15
C GLN A 36 -8.13 -2.39 9.61
N SER A 37 -6.96 -2.08 10.18
CA SER A 37 -6.88 -1.66 11.57
C SER A 37 -7.11 -0.16 11.69
N ILE A 38 -8.38 0.25 11.69
CA ILE A 38 -8.74 1.65 11.80
C ILE A 38 -7.99 2.32 12.94
N SER A 39 -7.56 1.52 13.91
CA SER A 39 -6.83 2.04 15.06
C SER A 39 -5.50 2.64 14.63
N HIS A 40 -4.53 1.78 14.35
CA HIS A 40 -3.21 2.23 13.93
C HIS A 40 -3.16 2.41 12.41
N MET A 41 -1.99 2.82 11.91
CA MET A 41 -1.81 3.03 10.48
C MET A 41 -0.89 1.96 9.89
N VAL A 42 -0.81 1.93 8.56
CA VAL A 42 0.04 0.96 7.88
C VAL A 42 1.52 1.25 8.13
N ALA A 43 1.85 2.52 8.29
CA ALA A 43 3.22 2.93 8.54
C ALA A 43 3.71 2.42 9.89
N SER A 44 2.79 2.29 10.84
CA SER A 44 3.12 1.81 12.18
C SER A 44 2.75 0.34 12.34
N CYS A 45 1.79 -0.12 11.53
CA CYS A 45 1.34 -1.49 11.59
C CYS A 45 2.49 -2.44 11.91
N PRO A 46 2.31 -3.27 12.96
CA PRO A 46 3.33 -4.23 13.40
C PRO A 46 3.50 -5.37 12.40
N LEU A 47 2.39 -5.96 11.99
CA LEU A 47 2.42 -7.08 11.04
C LEU A 47 3.36 -6.77 9.88
N LYS A 48 3.35 -5.51 9.43
CA LYS A 48 4.20 -5.10 8.33
C LYS A 48 5.58 -4.70 8.83
N ALA A 49 5.64 -3.65 9.64
CA ALA A 49 6.90 -3.17 10.19
C ALA A 49 7.80 -4.34 10.57
N GLN A 50 7.22 -5.36 11.20
CA GLN A 50 7.98 -6.53 11.62
C GLN A 50 9.11 -6.84 10.63
N GLN A 51 8.73 -7.01 9.37
CA GLN A 51 9.71 -7.30 8.33
C GLN A 51 10.59 -6.09 8.03
N GLY A 52 11.86 -6.34 7.74
CA GLY A 52 12.78 -5.25 7.45
C GLY A 52 13.79 -5.04 8.55
N PRO A 53 15.08 -5.13 8.20
CA PRO A 53 16.18 -4.94 9.16
C PRO A 53 16.30 -3.49 9.63
N SER A 54 15.38 -2.65 9.17
CA SER A 54 15.40 -1.24 9.54
C SER A 54 14.36 -0.94 10.61
N ALA A 55 14.75 -1.14 11.87
CA ALA A 55 13.85 -0.89 12.99
C ALA A 55 14.21 0.41 13.71
N GLN A 56 15.43 0.47 14.24
CA GLN A 56 15.88 1.66 14.95
C GLN A 56 17.37 1.57 15.25
N GLY A 57 18.17 2.38 14.56
CA GLY A 57 19.60 2.38 14.77
C GLY A 57 20.35 1.76 13.60
N SER A 58 21.48 1.12 13.90
CA SER A 58 22.30 0.48 12.87
C SER A 58 21.90 -0.98 12.70
N GLY A 59 22.49 -1.62 11.69
CA GLY A 59 22.19 -3.02 11.42
C GLY A 59 23.12 -3.63 10.41
N PRO A 60 23.03 -4.96 10.24
CA PRO A 60 23.88 -5.70 9.30
C PRO A 60 23.52 -5.39 7.85
N SER A 61 24.20 -4.41 7.27
CA SER A 61 23.96 -4.02 5.89
C SER A 61 23.97 -5.23 4.97
N SER A 62 24.96 -6.10 5.16
CA SER A 62 25.10 -7.31 4.35
C SER A 62 24.84 -7.00 2.87
N GLY A 63 25.37 -5.87 2.40
CA GLY A 63 25.18 -5.47 1.02
C GLY A 63 26.49 -5.48 0.24
ZN ZN B . -2.37 9.86 -6.89
ZN ZN C . -2.42 -2.83 10.11
N GLY A 1 -6.39 -10.73 -13.27
CA GLY A 1 -6.29 -10.70 -11.83
C GLY A 1 -7.56 -10.20 -11.16
N SER A 2 -8.36 -11.13 -10.65
CA SER A 2 -9.62 -10.78 -10.00
C SER A 2 -9.38 -9.79 -8.86
N SER A 3 -9.63 -8.52 -9.13
CA SER A 3 -9.45 -7.47 -8.13
C SER A 3 -10.65 -7.38 -7.21
N GLY A 4 -10.56 -6.49 -6.22
CA GLY A 4 -11.65 -6.32 -5.28
C GLY A 4 -11.33 -5.32 -4.18
N SER A 5 -11.54 -5.72 -2.94
CA SER A 5 -11.26 -4.85 -1.80
C SER A 5 -9.82 -5.00 -1.33
N SER A 6 -8.91 -5.07 -2.28
CA SER A 6 -7.49 -5.22 -1.98
C SER A 6 -6.71 -3.98 -2.42
N GLY A 7 -6.83 -3.64 -3.70
CA GLY A 7 -6.14 -2.48 -4.22
C GLY A 7 -5.94 -2.55 -5.72
N ASP A 8 -6.74 -1.76 -6.46
CA ASP A 8 -6.66 -1.74 -7.92
C ASP A 8 -5.82 -0.56 -8.39
N ARG A 9 -6.07 0.61 -7.81
CA ARG A 9 -5.34 1.82 -8.17
C ARG A 9 -4.99 2.64 -6.94
N CYS A 10 -4.11 3.62 -7.12
CA CYS A 10 -3.70 4.48 -6.01
C CYS A 10 -4.91 4.94 -5.20
N TYR A 11 -4.90 4.62 -3.91
CA TYR A 11 -5.99 5.00 -3.02
C TYR A 11 -5.76 6.38 -2.43
N ASN A 12 -5.28 7.30 -3.27
CA ASN A 12 -5.01 8.67 -2.83
C ASN A 12 -5.57 9.67 -3.84
N CYS A 13 -5.08 9.61 -5.07
CA CYS A 13 -5.54 10.51 -6.12
C CYS A 13 -6.41 9.77 -7.14
N GLY A 14 -5.93 8.60 -7.57
CA GLY A 14 -6.67 7.82 -8.53
C GLY A 14 -5.85 7.49 -9.77
N GLY A 15 -4.56 7.26 -9.57
CA GLY A 15 -3.69 6.93 -10.67
C GLY A 15 -3.69 5.45 -11.01
N LEU A 16 -3.69 5.13 -12.29
CA LEU A 16 -3.70 3.75 -12.75
C LEU A 16 -2.29 3.26 -13.03
N ASP A 17 -1.53 4.06 -13.78
CA ASP A 17 -0.16 3.72 -14.12
C ASP A 17 0.73 3.70 -12.88
N HIS A 18 0.68 4.78 -12.10
CA HIS A 18 1.47 4.88 -10.89
C HIS A 18 0.72 4.32 -9.69
N HIS A 19 1.46 3.83 -8.69
CA HIS A 19 0.86 3.28 -7.49
C HIS A 19 0.92 4.27 -6.34
N ALA A 20 0.03 4.10 -5.36
CA ALA A 20 -0.01 4.98 -4.21
C ALA A 20 1.38 5.17 -3.61
N LYS A 21 2.02 4.07 -3.25
CA LYS A 21 3.36 4.12 -2.67
C LYS A 21 4.24 5.10 -3.42
N GLU A 22 4.21 5.03 -4.75
CA GLU A 22 5.01 5.92 -5.58
C GLU A 22 4.45 7.34 -5.55
N CYS A 23 3.13 7.45 -5.64
CA CYS A 23 2.46 8.74 -5.63
C CYS A 23 3.22 9.73 -4.73
N LYS A 24 3.13 11.01 -5.08
CA LYS A 24 3.80 12.05 -4.30
C LYS A 24 2.82 12.74 -3.37
N LEU A 25 1.62 13.03 -3.87
CA LEU A 25 0.60 13.70 -3.08
C LEU A 25 0.62 13.20 -1.63
N PRO A 26 0.12 14.03 -0.71
CA PRO A 26 0.07 13.69 0.72
C PRO A 26 -0.94 12.59 1.02
N PRO A 27 -0.49 11.55 1.71
CA PRO A 27 -1.34 10.41 2.08
C PRO A 27 -2.38 10.79 3.14
N GLN A 28 -3.65 10.62 2.79
CA GLN A 28 -4.74 10.94 3.71
C GLN A 28 -4.68 10.07 4.95
N PRO A 29 -5.27 10.55 6.05
CA PRO A 29 -5.29 9.84 7.33
C PRO A 29 -6.19 8.60 7.28
N LYS A 30 -6.59 8.21 6.08
CA LYS A 30 -7.44 7.05 5.89
C LYS A 30 -6.88 5.84 6.63
N LYS A 31 -7.76 4.90 6.97
CA LYS A 31 -7.34 3.70 7.67
C LYS A 31 -6.41 2.85 6.81
N CYS A 32 -5.67 1.95 7.45
CA CYS A 32 -4.74 1.08 6.74
C CYS A 32 -5.32 0.62 5.41
N HIS A 33 -4.66 0.99 4.31
CA HIS A 33 -5.12 0.61 2.99
C HIS A 33 -4.63 -0.79 2.61
N PHE A 34 -4.62 -1.68 3.59
CA PHE A 34 -4.17 -3.06 3.37
C PHE A 34 -5.14 -4.05 3.98
N CYS A 35 -5.46 -3.86 5.26
CA CYS A 35 -6.38 -4.76 5.96
C CYS A 35 -7.43 -3.94 6.72
N GLN A 36 -7.68 -2.73 6.27
CA GLN A 36 -8.66 -1.86 6.90
C GLN A 36 -8.54 -1.93 8.42
N SER A 37 -7.31 -1.97 8.92
CA SER A 37 -7.07 -2.05 10.36
C SER A 37 -6.91 -0.66 10.96
N ILE A 38 -8.03 0.01 11.20
CA ILE A 38 -8.01 1.35 11.78
C ILE A 38 -7.06 1.41 12.98
N SER A 39 -6.75 0.25 13.55
CA SER A 39 -5.86 0.18 14.70
C SER A 39 -4.46 0.67 14.32
N HIS A 40 -3.77 -0.11 13.50
CA HIS A 40 -2.42 0.24 13.07
C HIS A 40 -2.44 0.88 11.68
N MET A 41 -1.27 1.31 11.22
CA MET A 41 -1.16 1.94 9.91
C MET A 41 -0.44 1.02 8.92
N VAL A 42 -0.75 1.17 7.64
CA VAL A 42 -0.14 0.35 6.61
C VAL A 42 1.38 0.32 6.76
N ALA A 43 1.94 1.41 7.28
CA ALA A 43 3.37 1.51 7.48
C ALA A 43 3.86 0.47 8.49
N SER A 44 3.02 0.15 9.46
CA SER A 44 3.37 -0.82 10.49
C SER A 44 2.74 -2.17 10.17
N CYS A 45 1.66 -2.17 9.40
CA CYS A 45 0.98 -3.40 9.03
C CYS A 45 1.97 -4.52 8.79
N PRO A 46 1.86 -5.60 9.59
CA PRO A 46 2.75 -6.76 9.49
C PRO A 46 2.49 -7.56 8.22
N LEU A 47 1.22 -7.78 7.90
CA LEU A 47 0.84 -8.53 6.72
C LEU A 47 1.60 -8.03 5.49
N LYS A 48 1.73 -6.71 5.38
CA LYS A 48 2.43 -6.10 4.26
C LYS A 48 3.85 -6.64 4.15
N ALA A 49 4.58 -6.58 5.25
CA ALA A 49 5.96 -7.06 5.29
C ALA A 49 6.03 -8.48 5.85
N GLN A 50 5.06 -9.31 5.47
CA GLN A 50 5.03 -10.69 5.93
C GLN A 50 6.43 -11.29 6.01
N GLN A 51 7.21 -11.10 4.95
CA GLN A 51 8.56 -11.62 4.90
C GLN A 51 9.51 -10.76 5.74
N GLY A 52 10.25 -11.41 6.62
CA GLY A 52 11.18 -10.70 7.48
C GLY A 52 11.94 -11.62 8.42
N PRO A 53 13.04 -11.11 8.99
CA PRO A 53 13.87 -11.88 9.92
C PRO A 53 13.17 -12.15 11.25
N SER A 54 13.68 -13.12 11.99
CA SER A 54 13.10 -13.47 13.29
C SER A 54 13.58 -12.52 14.38
N ALA A 55 14.88 -12.27 14.41
CA ALA A 55 15.46 -11.38 15.40
C ALA A 55 15.42 -9.92 14.91
N GLN A 56 15.75 -9.00 15.82
CA GLN A 56 15.76 -7.58 15.49
C GLN A 56 16.79 -7.28 14.41
N GLY A 57 16.35 -6.61 13.34
CA GLY A 57 17.25 -6.27 12.26
C GLY A 57 16.53 -6.09 10.94
N SER A 58 16.43 -4.84 10.48
CA SER A 58 15.75 -4.54 9.22
C SER A 58 16.45 -5.23 8.05
N GLY A 59 17.78 -5.15 8.04
CA GLY A 59 18.55 -5.77 6.97
C GLY A 59 18.96 -4.77 5.91
N PRO A 60 20.21 -4.89 5.42
CA PRO A 60 20.75 -4.01 4.39
C PRO A 60 20.09 -4.23 3.03
N SER A 61 19.91 -3.15 2.28
CA SER A 61 19.29 -3.23 0.97
C SER A 61 19.71 -2.05 0.09
N SER A 62 20.12 -2.35 -1.13
CA SER A 62 20.55 -1.30 -2.07
C SER A 62 21.87 -0.69 -1.61
N GLY A 63 22.79 -1.55 -1.17
CA GLY A 63 24.09 -1.07 -0.71
C GLY A 63 24.74 -0.12 -1.70
ZN ZN B . -1.86 8.78 -6.61
ZN ZN C . -3.11 -3.40 7.90
N GLY A 1 -29.89 10.26 -11.13
CA GLY A 1 -29.93 9.45 -12.34
C GLY A 1 -28.62 9.50 -13.11
N SER A 2 -27.55 9.01 -12.48
CA SER A 2 -26.24 9.00 -13.11
C SER A 2 -25.45 7.75 -12.74
N SER A 3 -24.47 7.41 -13.55
CA SER A 3 -23.65 6.23 -13.31
C SER A 3 -22.48 6.15 -14.29
N GLY A 4 -21.37 5.60 -13.83
CA GLY A 4 -20.20 5.49 -14.68
C GLY A 4 -18.92 5.86 -13.97
N SER A 5 -18.18 6.81 -14.52
CA SER A 5 -16.92 7.25 -13.93
C SER A 5 -15.99 6.07 -13.68
N SER A 6 -15.93 5.16 -14.65
CA SER A 6 -15.09 3.98 -14.54
C SER A 6 -13.62 4.33 -14.80
N GLY A 7 -12.72 3.52 -14.25
CA GLY A 7 -11.30 3.77 -14.43
C GLY A 7 -10.56 3.90 -13.12
N ASP A 8 -9.65 2.98 -12.84
CA ASP A 8 -8.87 3.01 -11.61
C ASP A 8 -7.92 4.19 -11.60
N ARG A 9 -8.36 5.30 -11.03
CA ARG A 9 -7.53 6.51 -10.96
C ARG A 9 -7.19 6.84 -9.51
N CYS A 10 -6.06 7.53 -9.33
CA CYS A 10 -5.62 7.91 -7.99
C CYS A 10 -6.78 8.49 -7.18
N TYR A 11 -7.12 7.82 -6.08
CA TYR A 11 -8.21 8.27 -5.21
C TYR A 11 -7.71 9.28 -4.19
N ASN A 12 -6.82 10.17 -4.63
CA ASN A 12 -6.27 11.20 -3.76
C ASN A 12 -6.34 12.57 -4.41
N CYS A 13 -5.66 12.72 -5.55
CA CYS A 13 -5.64 13.98 -6.27
C CYS A 13 -6.50 13.89 -7.53
N GLY A 14 -6.39 12.77 -8.23
CA GLY A 14 -7.15 12.57 -9.45
C GLY A 14 -6.27 12.41 -10.66
N GLY A 15 -5.11 11.77 -10.47
CA GLY A 15 -4.19 11.55 -11.57
C GLY A 15 -4.49 10.28 -12.35
N LEU A 16 -4.51 10.40 -13.67
CA LEU A 16 -4.80 9.25 -14.52
C LEU A 16 -3.51 8.55 -14.94
N ASP A 17 -2.44 9.32 -15.08
CA ASP A 17 -1.14 8.77 -15.46
C ASP A 17 -0.55 7.94 -14.34
N HIS A 18 -0.42 8.54 -13.16
CA HIS A 18 0.14 7.84 -12.01
C HIS A 18 -0.96 7.20 -11.17
N HIS A 19 -0.58 6.29 -10.28
CA HIS A 19 -1.55 5.61 -9.43
C HIS A 19 -1.56 6.22 -8.03
N ALA A 20 -2.57 5.86 -7.25
CA ALA A 20 -2.69 6.38 -5.89
C ALA A 20 -1.50 5.99 -5.04
N LYS A 21 -1.05 4.74 -5.19
CA LYS A 21 0.10 4.25 -4.43
C LYS A 21 1.39 4.86 -4.95
N GLU A 22 1.41 5.21 -6.24
CA GLU A 22 2.59 5.80 -6.85
C GLU A 22 2.63 7.30 -6.62
N CYS A 23 1.46 7.91 -6.45
CA CYS A 23 1.36 9.34 -6.22
C CYS A 23 2.35 9.79 -5.15
N LYS A 24 2.76 11.05 -5.23
CA LYS A 24 3.71 11.60 -4.27
C LYS A 24 3.00 12.42 -3.20
N LEU A 25 2.00 13.19 -3.63
CA LEU A 25 1.23 14.02 -2.70
C LEU A 25 0.93 13.27 -1.41
N PRO A 26 0.67 14.03 -0.33
CA PRO A 26 0.37 13.46 0.99
C PRO A 26 -0.99 12.76 1.02
N PRO A 27 -0.97 11.45 1.28
CA PRO A 27 -2.19 10.64 1.34
C PRO A 27 -3.04 10.97 2.57
N GLN A 28 -4.34 10.69 2.47
CA GLN A 28 -5.25 10.95 3.57
C GLN A 28 -4.95 10.07 4.77
N PRO A 29 -5.29 10.54 5.97
CA PRO A 29 -5.06 9.81 7.22
C PRO A 29 -5.95 8.59 7.35
N LYS A 30 -6.58 8.20 6.25
CA LYS A 30 -7.47 7.05 6.23
C LYS A 30 -6.81 5.85 6.90
N LYS A 31 -7.56 4.75 7.01
CA LYS A 31 -7.04 3.53 7.62
C LYS A 31 -5.72 3.12 6.99
N CYS A 32 -5.08 2.09 7.56
CA CYS A 32 -3.81 1.60 7.05
C CYS A 32 -3.99 0.98 5.67
N HIS A 33 -3.48 1.67 4.65
CA HIS A 33 -3.57 1.18 3.28
C HIS A 33 -2.45 0.19 2.97
N PHE A 34 -2.17 -0.68 3.93
CA PHE A 34 -1.12 -1.68 3.77
C PHE A 34 -1.63 -3.07 4.19
N CYS A 35 -2.13 -3.17 5.41
CA CYS A 35 -2.64 -4.42 5.94
C CYS A 35 -4.13 -4.34 6.20
N GLN A 36 -4.74 -3.23 5.79
CA GLN A 36 -6.16 -3.01 5.99
C GLN A 36 -6.51 -2.96 7.48
N SER A 37 -5.67 -2.27 8.25
CA SER A 37 -5.89 -2.14 9.69
C SER A 37 -6.30 -0.73 10.06
N ILE A 38 -7.51 -0.59 10.58
CA ILE A 38 -8.03 0.72 10.97
C ILE A 38 -7.58 1.08 12.39
N SER A 39 -6.47 0.49 12.82
CA SER A 39 -5.93 0.75 14.14
C SER A 39 -4.79 1.75 14.08
N HIS A 40 -3.68 1.34 13.46
CA HIS A 40 -2.51 2.20 13.33
C HIS A 40 -2.47 2.85 11.95
N MET A 41 -1.39 3.59 11.69
CA MET A 41 -1.23 4.26 10.40
C MET A 41 -0.24 3.51 9.52
N VAL A 42 -0.38 3.67 8.21
CA VAL A 42 0.52 3.01 7.26
C VAL A 42 1.97 3.31 7.56
N ALA A 43 2.26 4.58 7.86
CA ALA A 43 3.61 5.01 8.17
C ALA A 43 4.08 4.42 9.50
N SER A 44 3.18 3.73 10.18
CA SER A 44 3.50 3.12 11.47
C SER A 44 3.52 1.60 11.35
N CYS A 45 2.63 1.05 10.53
CA CYS A 45 2.55 -0.39 10.34
C CYS A 45 3.93 -1.02 10.37
N PRO A 46 4.08 -2.07 11.19
CA PRO A 46 5.35 -2.79 11.34
C PRO A 46 5.71 -3.59 10.09
N LEU A 47 4.73 -4.33 9.58
CA LEU A 47 4.94 -5.15 8.39
C LEU A 47 5.61 -4.34 7.28
N LYS A 48 5.12 -3.11 7.07
CA LYS A 48 5.68 -2.23 6.05
C LYS A 48 7.20 -2.20 6.13
N ALA A 49 7.72 -2.00 7.35
CA ALA A 49 9.17 -1.95 7.56
C ALA A 49 9.86 -3.16 6.94
N GLN A 50 9.42 -4.36 7.34
CA GLN A 50 10.02 -5.59 6.82
C GLN A 50 9.55 -5.85 5.39
N GLN A 51 10.49 -5.80 4.45
CA GLN A 51 10.17 -6.03 3.05
C GLN A 51 9.58 -7.43 2.85
N GLY A 52 8.62 -7.53 1.94
CA GLY A 52 7.98 -8.81 1.67
C GLY A 52 6.70 -8.67 0.87
N PRO A 53 6.71 -9.23 -0.35
CA PRO A 53 5.55 -9.18 -1.25
C PRO A 53 4.38 -10.03 -0.75
N SER A 54 3.30 -10.04 -1.51
CA SER A 54 2.12 -10.83 -1.15
C SER A 54 2.32 -12.31 -1.46
N ALA A 55 1.53 -13.16 -0.80
CA ALA A 55 1.63 -14.60 -1.01
C ALA A 55 1.85 -14.93 -2.48
N GLN A 56 2.88 -15.72 -2.76
CA GLN A 56 3.20 -16.10 -4.12
C GLN A 56 2.29 -17.22 -4.61
N GLY A 57 2.08 -18.21 -3.74
CA GLY A 57 1.23 -19.34 -4.10
C GLY A 57 1.81 -20.19 -5.20
N SER A 58 3.12 -20.44 -5.13
CA SER A 58 3.81 -21.24 -6.12
C SER A 58 4.00 -22.68 -5.64
N GLY A 59 4.53 -22.80 -4.42
CA GLY A 59 4.76 -24.13 -3.85
C GLY A 59 5.76 -24.93 -4.67
N PRO A 60 7.03 -24.49 -4.67
CA PRO A 60 8.09 -25.17 -5.41
C PRO A 60 8.47 -26.51 -4.78
N SER A 61 8.63 -27.52 -5.63
CA SER A 61 8.98 -28.86 -5.17
C SER A 61 10.48 -29.09 -5.27
N SER A 62 11.17 -28.98 -4.14
CA SER A 62 12.63 -29.18 -4.11
C SER A 62 13.03 -30.41 -4.91
N GLY A 63 13.67 -30.17 -6.05
CA GLY A 63 14.11 -31.27 -6.90
C GLY A 63 12.97 -32.22 -7.25
ZN ZN B . -2.52 11.35 -7.15
ZN ZN C . -1.14 -1.97 8.85
N GLY A 1 -22.85 16.36 -27.45
CA GLY A 1 -22.62 15.77 -26.14
C GLY A 1 -22.28 14.29 -26.22
N SER A 2 -21.74 13.76 -25.13
CA SER A 2 -21.36 12.35 -25.08
C SER A 2 -21.05 11.92 -23.65
N SER A 3 -21.79 10.94 -23.16
CA SER A 3 -21.59 10.44 -21.81
C SER A 3 -20.53 9.35 -21.77
N GLY A 4 -19.52 9.54 -20.93
CA GLY A 4 -18.44 8.57 -20.81
C GLY A 4 -18.15 8.19 -19.38
N SER A 5 -17.15 7.33 -19.18
CA SER A 5 -16.75 6.90 -17.85
C SER A 5 -15.24 6.91 -17.69
N SER A 6 -14.78 7.08 -16.46
CA SER A 6 -13.35 7.11 -16.18
C SER A 6 -12.88 5.78 -15.57
N GLY A 7 -11.59 5.52 -15.67
CA GLY A 7 -11.04 4.28 -15.13
C GLY A 7 -10.40 4.48 -13.77
N ASP A 8 -9.55 3.54 -13.37
CA ASP A 8 -8.87 3.62 -12.09
C ASP A 8 -8.10 4.92 -11.96
N ARG A 9 -8.72 5.92 -11.33
CA ARG A 9 -8.09 7.22 -11.14
C ARG A 9 -7.53 7.36 -9.74
N CYS A 10 -6.42 8.07 -9.60
CA CYS A 10 -5.79 8.28 -8.31
C CYS A 10 -6.81 8.73 -7.27
N TYR A 11 -6.94 7.95 -6.20
CA TYR A 11 -7.88 8.26 -5.14
C TYR A 11 -7.26 9.24 -4.14
N ASN A 12 -6.48 10.19 -4.66
CA ASN A 12 -5.84 11.19 -3.82
C ASN A 12 -6.03 12.59 -4.39
N CYS A 13 -5.64 12.77 -5.65
CA CYS A 13 -5.76 14.05 -6.32
C CYS A 13 -6.63 13.93 -7.57
N GLY A 14 -6.38 12.89 -8.36
CA GLY A 14 -7.15 12.69 -9.58
C GLY A 14 -6.30 12.82 -10.83
N GLY A 15 -5.11 12.23 -10.79
CA GLY A 15 -4.22 12.29 -11.94
C GLY A 15 -4.37 11.11 -12.86
N LEU A 16 -4.25 11.35 -14.17
CA LEU A 16 -4.37 10.29 -15.16
C LEU A 16 -3.01 9.69 -15.49
N ASP A 17 -2.00 10.56 -15.60
CA ASP A 17 -0.65 10.11 -15.92
C ASP A 17 -0.09 9.24 -14.80
N HIS A 18 -0.15 9.75 -13.56
CA HIS A 18 0.35 9.01 -12.41
C HIS A 18 -0.78 8.27 -11.71
N HIS A 19 -0.42 7.25 -10.93
CA HIS A 19 -1.39 6.46 -10.21
C HIS A 19 -1.47 6.89 -8.75
N ALA A 20 -2.39 6.28 -8.00
CA ALA A 20 -2.57 6.60 -6.59
C ALA A 20 -1.33 6.22 -5.79
N LYS A 21 -0.86 4.99 -5.98
CA LYS A 21 0.32 4.50 -5.27
C LYS A 21 1.57 5.27 -5.69
N GLU A 22 1.62 5.65 -6.96
CA GLU A 22 2.76 6.40 -7.49
C GLU A 22 2.72 7.85 -7.02
N CYS A 23 1.52 8.42 -6.98
CA CYS A 23 1.35 9.80 -6.55
C CYS A 23 2.35 10.17 -5.46
N LYS A 24 2.71 11.44 -5.39
CA LYS A 24 3.66 11.92 -4.39
C LYS A 24 2.94 12.57 -3.22
N LEU A 25 1.92 13.37 -3.53
CA LEU A 25 1.15 14.04 -2.49
C LEU A 25 0.91 13.13 -1.29
N PRO A 26 0.66 13.73 -0.13
CA PRO A 26 0.41 13.00 1.12
C PRO A 26 -0.91 12.26 1.10
N PRO A 27 -0.88 10.97 1.50
CA PRO A 27 -2.08 10.12 1.53
C PRO A 27 -3.05 10.54 2.63
N GLN A 28 -4.35 10.42 2.34
CA GLN A 28 -5.37 10.79 3.30
C GLN A 28 -5.08 10.18 4.67
N PRO A 29 -5.59 10.84 5.74
CA PRO A 29 -5.39 10.37 7.11
C PRO A 29 -6.16 9.09 7.41
N LYS A 30 -6.68 8.46 6.36
CA LYS A 30 -7.43 7.22 6.51
C LYS A 30 -6.53 6.08 6.95
N LYS A 31 -7.10 4.90 7.11
CA LYS A 31 -6.35 3.72 7.53
C LYS A 31 -6.01 2.84 6.33
N CYS A 32 -4.91 2.10 6.44
CA CYS A 32 -4.46 1.23 5.36
C CYS A 32 -5.65 0.64 4.61
N HIS A 33 -5.71 0.92 3.31
CA HIS A 33 -6.80 0.43 2.48
C HIS A 33 -6.52 -0.99 2.00
N PHE A 34 -5.74 -1.74 2.79
CA PHE A 34 -5.40 -3.11 2.43
C PHE A 34 -5.88 -4.08 3.52
N CYS A 35 -5.55 -3.78 4.77
CA CYS A 35 -5.94 -4.62 5.89
C CYS A 35 -6.50 -3.78 7.03
N GLN A 36 -7.01 -2.60 6.69
CA GLN A 36 -7.60 -1.70 7.68
C GLN A 36 -6.72 -1.64 8.93
N SER A 37 -5.41 -1.61 8.73
CA SER A 37 -4.47 -1.56 9.85
C SER A 37 -4.13 -0.12 10.21
N ILE A 38 -5.00 0.51 10.98
CA ILE A 38 -4.80 1.89 11.40
C ILE A 38 -3.39 2.11 11.90
N SER A 39 -2.71 1.02 12.28
CA SER A 39 -1.35 1.09 12.77
C SER A 39 -0.39 1.54 11.68
N HIS A 40 -0.18 0.68 10.70
CA HIS A 40 0.71 0.99 9.59
C HIS A 40 -0.07 1.51 8.39
N MET A 41 0.65 1.93 7.35
CA MET A 41 0.02 2.46 6.14
C MET A 41 0.23 1.51 4.97
N VAL A 42 -0.71 1.53 4.03
CA VAL A 42 -0.62 0.68 2.85
C VAL A 42 0.75 0.78 2.20
N ALA A 43 1.36 1.95 2.28
CA ALA A 43 2.68 2.19 1.70
C ALA A 43 3.72 1.24 2.31
N SER A 44 3.54 0.92 3.59
CA SER A 44 4.47 0.04 4.29
C SER A 44 3.91 -1.38 4.37
N CYS A 45 2.58 -1.49 4.35
CA CYS A 45 1.91 -2.79 4.42
C CYS A 45 2.71 -3.85 3.66
N PRO A 46 3.03 -4.95 4.36
CA PRO A 46 3.79 -6.06 3.77
C PRO A 46 2.98 -6.83 2.72
N LEU A 47 1.77 -7.22 3.09
CA LEU A 47 0.90 -7.96 2.17
C LEU A 47 0.95 -7.35 0.78
N LYS A 48 0.88 -6.03 0.69
CA LYS A 48 0.92 -5.34 -0.58
C LYS A 48 2.11 -5.80 -1.42
N ALA A 49 3.28 -5.83 -0.79
CA ALA A 49 4.50 -6.25 -1.47
C ALA A 49 4.83 -7.70 -1.14
N GLN A 50 3.99 -8.62 -1.60
CA GLN A 50 4.19 -10.05 -1.35
C GLN A 50 5.03 -10.68 -2.47
N GLN A 51 4.68 -10.35 -3.71
CA GLN A 51 5.39 -10.89 -4.87
C GLN A 51 6.90 -10.64 -4.74
N GLY A 52 7.68 -11.66 -5.06
CA GLY A 52 9.13 -11.54 -4.98
C GLY A 52 9.71 -12.25 -3.77
N PRO A 53 10.89 -12.85 -3.94
CA PRO A 53 11.57 -13.59 -2.87
C PRO A 53 12.10 -12.67 -1.77
N SER A 54 12.68 -11.54 -2.18
CA SER A 54 13.22 -10.58 -1.23
C SER A 54 12.93 -9.15 -1.68
N ALA A 55 12.25 -8.40 -0.83
CA ALA A 55 11.91 -7.01 -1.13
C ALA A 55 13.15 -6.21 -1.51
N GLN A 56 13.17 -5.74 -2.76
CA GLN A 56 14.30 -4.96 -3.25
C GLN A 56 14.62 -3.81 -2.30
N GLY A 57 15.69 -3.98 -1.51
CA GLY A 57 16.08 -2.96 -0.56
C GLY A 57 17.50 -2.46 -0.81
N SER A 58 17.83 -2.19 -2.06
CA SER A 58 19.16 -1.71 -2.42
C SER A 58 19.12 -0.23 -2.78
N GLY A 59 20.30 0.37 -2.91
CA GLY A 59 20.39 1.78 -3.23
C GLY A 59 21.55 2.09 -4.16
N PRO A 60 21.29 2.91 -5.18
CA PRO A 60 22.30 3.31 -6.16
C PRO A 60 23.37 4.22 -5.56
N SER A 61 22.92 5.27 -4.88
CA SER A 61 23.84 6.22 -4.25
C SER A 61 24.83 6.77 -5.27
N SER A 62 24.33 7.08 -6.46
CA SER A 62 25.18 7.60 -7.53
C SER A 62 25.27 9.13 -7.45
N GLY A 63 26.42 9.67 -7.87
CA GLY A 63 26.61 11.11 -7.84
C GLY A 63 26.91 11.68 -9.21
ZN ZN B . -2.60 11.69 -7.21
ZN ZN C . -2.22 -3.12 5.55
N GLY A 1 -20.32 -7.98 -13.57
CA GLY A 1 -20.08 -6.71 -12.90
C GLY A 1 -18.81 -6.03 -13.36
N SER A 2 -18.94 -5.13 -14.33
CA SER A 2 -17.78 -4.43 -14.87
C SER A 2 -17.18 -3.50 -13.82
N SER A 3 -17.99 -2.55 -13.35
CA SER A 3 -17.54 -1.60 -12.34
C SER A 3 -17.17 -2.30 -11.05
N GLY A 4 -15.90 -2.65 -10.91
CA GLY A 4 -15.44 -3.33 -9.70
C GLY A 4 -14.04 -3.89 -9.86
N SER A 5 -13.04 -3.12 -9.46
CA SER A 5 -11.65 -3.55 -9.57
C SER A 5 -10.89 -3.24 -8.28
N SER A 6 -9.73 -3.87 -8.12
CA SER A 6 -8.91 -3.67 -6.93
C SER A 6 -8.06 -2.41 -7.07
N GLY A 7 -8.66 -1.25 -6.80
CA GLY A 7 -7.93 0.00 -6.91
C GLY A 7 -7.03 0.05 -8.13
N ASP A 8 -7.63 0.20 -9.30
CA ASP A 8 -6.87 0.27 -10.54
C ASP A 8 -6.13 1.59 -10.66
N ARG A 9 -6.83 2.69 -10.36
CA ARG A 9 -6.23 4.01 -10.44
C ARG A 9 -5.85 4.51 -9.04
N CYS A 10 -4.80 5.33 -8.99
CA CYS A 10 -4.34 5.88 -7.72
C CYS A 10 -5.51 6.28 -6.83
N TYR A 11 -5.60 5.66 -5.66
CA TYR A 11 -6.68 5.94 -4.73
C TYR A 11 -6.35 7.16 -3.86
N ASN A 12 -5.78 8.18 -4.49
CA ASN A 12 -5.42 9.41 -3.78
C ASN A 12 -5.86 10.65 -4.56
N CYS A 13 -5.41 10.75 -5.80
CA CYS A 13 -5.76 11.88 -6.65
C CYS A 13 -6.56 11.42 -7.87
N GLY A 14 -6.11 10.34 -8.48
CA GLY A 14 -6.78 9.81 -9.65
C GLY A 14 -5.88 9.76 -10.87
N GLY A 15 -4.61 9.42 -10.66
CA GLY A 15 -3.67 9.36 -11.75
C GLY A 15 -3.65 7.99 -12.42
N LEU A 16 -3.51 7.99 -13.74
CA LEU A 16 -3.49 6.74 -14.51
C LEU A 16 -2.06 6.34 -14.84
N ASP A 17 -1.24 7.32 -15.19
CA ASP A 17 0.16 7.07 -15.53
C ASP A 17 0.93 6.56 -14.32
N HIS A 18 0.79 7.25 -13.20
CA HIS A 18 1.47 6.88 -11.97
C HIS A 18 0.57 6.02 -11.08
N HIS A 19 1.17 5.30 -10.15
CA HIS A 19 0.42 4.43 -9.24
C HIS A 19 0.25 5.11 -7.89
N ALA A 20 -0.82 4.74 -7.18
CA ALA A 20 -1.11 5.31 -5.87
C ALA A 20 0.15 5.38 -5.02
N LYS A 21 0.94 4.31 -5.05
CA LYS A 21 2.18 4.24 -4.28
C LYS A 21 3.20 5.26 -4.80
N GLU A 22 3.31 5.35 -6.12
CA GLU A 22 4.24 6.29 -6.74
C GLU A 22 3.86 7.73 -6.43
N CYS A 23 2.56 8.02 -6.49
CA CYS A 23 2.06 9.36 -6.23
C CYS A 23 2.91 10.05 -5.16
N LYS A 24 2.99 11.37 -5.26
CA LYS A 24 3.76 12.16 -4.30
C LYS A 24 2.86 12.78 -3.24
N LEU A 25 1.72 13.31 -3.68
CA LEU A 25 0.77 13.93 -2.78
C LEU A 25 0.69 13.18 -1.45
N PRO A 26 0.31 13.89 -0.39
CA PRO A 26 0.20 13.31 0.96
C PRO A 26 -0.97 12.34 1.07
N PRO A 27 -0.68 11.11 1.53
CA PRO A 27 -1.70 10.07 1.70
C PRO A 27 -2.67 10.38 2.83
N GLN A 28 -3.92 10.66 2.48
CA GLN A 28 -4.94 10.98 3.47
C GLN A 28 -4.76 10.13 4.73
N PRO A 29 -5.26 10.64 5.86
CA PRO A 29 -5.17 9.95 7.15
C PRO A 29 -6.04 8.70 7.21
N LYS A 30 -6.53 8.28 6.04
CA LYS A 30 -7.38 7.10 5.96
C LYS A 30 -6.77 5.93 6.73
N LYS A 31 -7.62 5.01 7.18
CA LYS A 31 -7.17 3.84 7.92
C LYS A 31 -6.28 2.95 7.05
N CYS A 32 -5.56 2.04 7.69
CA CYS A 32 -4.68 1.12 6.98
C CYS A 32 -5.35 0.61 5.70
N HIS A 33 -4.75 0.93 4.56
CA HIS A 33 -5.29 0.50 3.27
C HIS A 33 -4.85 -0.93 2.95
N PHE A 34 -4.82 -1.78 3.98
CA PHE A 34 -4.42 -3.17 3.81
C PHE A 34 -5.39 -4.10 4.53
N CYS A 35 -5.59 -3.85 5.81
CA CYS A 35 -6.49 -4.66 6.63
C CYS A 35 -7.53 -3.80 7.33
N GLN A 36 -7.79 -2.61 6.78
CA GLN A 36 -8.76 -1.69 7.35
C GLN A 36 -8.64 -1.67 8.88
N SER A 37 -7.41 -1.66 9.37
CA SER A 37 -7.16 -1.64 10.82
C SER A 37 -7.06 -0.21 11.33
N ILE A 38 -8.21 0.44 11.50
CA ILE A 38 -8.25 1.81 11.98
C ILE A 38 -7.30 2.00 13.16
N SER A 39 -6.96 0.90 13.83
CA SER A 39 -6.06 0.95 14.98
C SER A 39 -4.65 1.34 14.55
N HIS A 40 -4.00 0.44 13.80
CA HIS A 40 -2.65 0.69 13.32
C HIS A 40 -2.66 1.21 11.89
N MET A 41 -1.49 1.60 11.39
CA MET A 41 -1.37 2.11 10.03
C MET A 41 -0.71 1.09 9.12
N VAL A 42 -0.81 1.30 7.81
CA VAL A 42 -0.21 0.39 6.84
C VAL A 42 1.30 0.36 6.97
N ALA A 43 1.89 1.52 7.28
CA ALA A 43 3.33 1.61 7.43
C ALA A 43 3.81 0.76 8.60
N SER A 44 2.94 0.56 9.59
CA SER A 44 3.29 -0.24 10.76
C SER A 44 2.72 -1.64 10.64
N CYS A 45 1.66 -1.79 9.87
CA CYS A 45 1.01 -3.08 9.68
C CYS A 45 2.05 -4.20 9.64
N PRO A 46 1.80 -5.26 10.43
CA PRO A 46 2.70 -6.41 10.52
C PRO A 46 2.70 -7.24 9.24
N LEU A 47 1.50 -7.60 8.77
CA LEU A 47 1.36 -8.40 7.56
C LEU A 47 2.31 -7.91 6.47
N LYS A 48 2.43 -6.59 6.35
CA LYS A 48 3.31 -5.99 5.35
C LYS A 48 4.76 -6.01 5.83
N ALA A 49 4.96 -5.68 7.11
CA ALA A 49 6.30 -5.65 7.68
C ALA A 49 6.58 -6.93 8.48
N GLN A 50 6.71 -8.05 7.78
CA GLN A 50 6.97 -9.33 8.42
C GLN A 50 8.39 -9.37 8.98
N GLN A 51 9.37 -9.26 8.10
CA GLN A 51 10.77 -9.30 8.51
C GLN A 51 11.13 -8.03 9.29
N GLY A 52 12.14 -8.15 10.15
CA GLY A 52 12.58 -7.01 10.94
C GLY A 52 13.26 -5.94 10.10
N PRO A 53 14.00 -5.05 10.77
CA PRO A 53 14.72 -3.97 10.10
C PRO A 53 15.90 -4.47 9.26
N SER A 54 16.09 -5.78 9.27
CA SER A 54 17.18 -6.39 8.51
C SER A 54 16.66 -7.51 7.61
N ALA A 55 16.95 -7.41 6.32
CA ALA A 55 16.52 -8.41 5.37
C ALA A 55 17.39 -9.66 5.44
N GLN A 56 18.70 -9.48 5.28
CA GLN A 56 19.65 -10.58 5.34
C GLN A 56 20.70 -10.35 6.41
N GLY A 57 20.66 -11.17 7.46
CA GLY A 57 21.62 -11.03 8.54
C GLY A 57 20.96 -10.91 9.90
N SER A 58 20.47 -12.03 10.41
CA SER A 58 19.79 -12.05 11.71
C SER A 58 20.77 -11.70 12.82
N GLY A 59 20.31 -10.89 13.78
CA GLY A 59 21.16 -10.50 14.89
C GLY A 59 20.42 -9.65 15.91
N PRO A 60 20.65 -9.94 17.20
CA PRO A 60 20.00 -9.21 18.30
C PRO A 60 20.52 -7.79 18.42
N SER A 61 21.38 -7.39 17.49
CA SER A 61 21.95 -6.04 17.50
C SER A 61 20.99 -5.04 16.89
N SER A 62 20.20 -4.39 17.73
CA SER A 62 19.22 -3.40 17.27
C SER A 62 19.89 -2.37 16.36
N GLY A 63 19.10 -1.78 15.47
CA GLY A 63 19.62 -0.79 14.56
C GLY A 63 19.03 -0.89 13.17
ZN ZN B . -2.15 10.09 -7.30
ZN ZN C . -3.08 -3.24 8.38
N GLY A 1 -10.56 -8.52 -10.32
CA GLY A 1 -9.41 -8.44 -9.44
C GLY A 1 -9.39 -9.56 -8.42
N SER A 2 -8.78 -10.69 -8.79
CA SER A 2 -8.70 -11.84 -7.91
C SER A 2 -8.00 -11.47 -6.60
N SER A 3 -6.76 -11.00 -6.71
CA SER A 3 -5.97 -10.62 -5.54
C SER A 3 -4.85 -9.68 -5.94
N GLY A 4 -4.70 -8.58 -5.19
CA GLY A 4 -3.66 -7.62 -5.47
C GLY A 4 -3.92 -6.27 -4.82
N SER A 5 -4.04 -5.23 -5.64
CA SER A 5 -4.29 -3.88 -5.13
C SER A 5 -5.77 -3.69 -4.79
N SER A 6 -6.02 -3.00 -3.69
CA SER A 6 -7.38 -2.75 -3.24
C SER A 6 -8.21 -2.12 -4.36
N GLY A 7 -7.75 -0.98 -4.86
CA GLY A 7 -8.45 -0.29 -5.92
C GLY A 7 -7.79 -0.47 -7.28
N ASP A 8 -8.32 0.20 -8.29
CA ASP A 8 -7.77 0.11 -9.64
C ASP A 8 -6.72 1.20 -9.88
N ARG A 9 -7.05 2.41 -9.45
CA ARG A 9 -6.15 3.54 -9.63
C ARG A 9 -5.80 4.18 -8.28
N CYS A 10 -4.94 5.20 -8.30
CA CYS A 10 -4.53 5.88 -7.09
C CYS A 10 -5.75 6.40 -6.33
N TYR A 11 -5.98 5.82 -5.15
CA TYR A 11 -7.11 6.23 -4.32
C TYR A 11 -6.76 7.46 -3.49
N ASN A 12 -6.06 8.40 -4.11
CA ASN A 12 -5.67 9.63 -3.43
C ASN A 12 -6.00 10.86 -4.28
N CYS A 13 -5.43 10.91 -5.48
CA CYS A 13 -5.67 12.03 -6.39
C CYS A 13 -6.50 11.58 -7.60
N GLY A 14 -6.11 10.44 -8.18
CA GLY A 14 -6.83 9.93 -9.34
C GLY A 14 -5.94 9.80 -10.55
N GLY A 15 -4.74 9.26 -10.36
CA GLY A 15 -3.82 9.09 -11.47
C GLY A 15 -3.92 7.72 -12.12
N LEU A 16 -3.78 7.69 -13.44
CA LEU A 16 -3.86 6.43 -14.18
C LEU A 16 -2.47 5.90 -14.49
N ASP A 17 -1.56 6.79 -14.84
CA ASP A 17 -0.19 6.41 -15.17
C ASP A 17 0.55 5.96 -13.92
N HIS A 18 0.42 6.73 -12.84
CA HIS A 18 1.09 6.40 -11.58
C HIS A 18 0.14 5.66 -10.64
N HIS A 19 0.71 4.97 -9.66
CA HIS A 19 -0.09 4.21 -8.69
C HIS A 19 -0.23 4.99 -7.39
N ALA A 20 -1.18 4.57 -6.57
CA ALA A 20 -1.43 5.23 -5.28
C ALA A 20 -0.17 5.26 -4.43
N LYS A 21 0.40 4.08 -4.18
CA LYS A 21 1.62 3.98 -3.39
C LYS A 21 2.75 4.80 -4.00
N GLU A 22 2.78 4.87 -5.33
CA GLU A 22 3.81 5.62 -6.04
C GLU A 22 3.55 7.12 -5.93
N CYS A 23 2.27 7.50 -5.95
CA CYS A 23 1.90 8.91 -5.85
C CYS A 23 2.79 9.65 -4.87
N LYS A 24 2.98 10.94 -5.10
CA LYS A 24 3.82 11.77 -4.23
C LYS A 24 2.96 12.58 -3.26
N LEU A 25 1.86 13.11 -3.76
CA LEU A 25 0.95 13.90 -2.94
C LEU A 25 0.80 13.29 -1.55
N PRO A 26 0.40 14.11 -0.57
CA PRO A 26 0.21 13.67 0.81
C PRO A 26 -1.01 12.76 0.96
N PRO A 27 -0.77 11.52 1.42
CA PRO A 27 -1.84 10.53 1.62
C PRO A 27 -2.76 10.90 2.78
N GLN A 28 -4.04 10.61 2.62
CA GLN A 28 -5.03 10.90 3.66
C GLN A 28 -4.81 10.02 4.88
N PRO A 29 -5.23 10.51 6.05
CA PRO A 29 -5.10 9.77 7.31
C PRO A 29 -6.02 8.57 7.38
N LYS A 30 -6.62 8.22 6.26
CA LYS A 30 -7.52 7.08 6.17
C LYS A 30 -6.92 5.86 6.86
N LYS A 31 -7.70 4.78 6.92
CA LYS A 31 -7.24 3.54 7.55
C LYS A 31 -5.95 3.05 6.90
N CYS A 32 -5.30 2.08 7.53
CA CYS A 32 -4.06 1.52 7.01
C CYS A 32 -4.22 1.08 5.56
N HIS A 33 -3.46 1.71 4.67
CA HIS A 33 -3.52 1.39 3.25
C HIS A 33 -2.61 0.20 2.93
N PHE A 34 -2.58 -0.77 3.82
CA PHE A 34 -1.76 -1.96 3.63
C PHE A 34 -2.56 -3.23 3.92
N CYS A 35 -3.13 -3.30 5.12
CA CYS A 35 -3.92 -4.45 5.52
C CYS A 35 -5.29 -4.03 6.02
N GLN A 36 -5.73 -2.84 5.60
CA GLN A 36 -7.03 -2.32 6.00
C GLN A 36 -7.25 -2.52 7.50
N SER A 37 -6.22 -2.28 8.29
CA SER A 37 -6.30 -2.45 9.73
C SER A 37 -6.77 -1.14 10.39
N ILE A 38 -8.06 -0.87 10.29
CA ILE A 38 -8.64 0.33 10.88
C ILE A 38 -8.10 0.57 12.28
N SER A 39 -7.61 -0.49 12.91
CA SER A 39 -7.05 -0.40 14.25
C SER A 39 -5.77 0.42 14.26
N HIS A 40 -4.74 -0.10 13.61
CA HIS A 40 -3.45 0.57 13.54
C HIS A 40 -3.29 1.31 12.20
N MET A 41 -2.19 2.01 12.05
CA MET A 41 -1.92 2.76 10.83
C MET A 41 -0.78 2.11 10.03
N VAL A 42 -0.62 2.52 8.78
CA VAL A 42 0.43 1.98 7.93
C VAL A 42 1.82 2.33 8.48
N ALA A 43 1.94 3.51 9.05
CA ALA A 43 3.21 3.95 9.62
C ALA A 43 3.71 2.99 10.69
N SER A 44 2.77 2.37 11.39
CA SER A 44 3.11 1.43 12.45
C SER A 44 2.99 -0.02 11.94
N CYS A 45 2.10 -0.23 10.98
CA CYS A 45 1.89 -1.56 10.42
C CYS A 45 3.20 -2.35 10.37
N PRO A 46 3.27 -3.42 11.17
CA PRO A 46 4.45 -4.28 11.25
C PRO A 46 4.65 -5.09 9.97
N LEU A 47 3.56 -5.61 9.43
CA LEU A 47 3.62 -6.41 8.20
C LEU A 47 4.40 -5.67 7.11
N LYS A 48 4.17 -4.38 7.00
CA LYS A 48 4.85 -3.57 6.00
C LYS A 48 6.34 -3.49 6.29
N ALA A 49 6.68 -3.24 7.55
CA ALA A 49 8.08 -3.14 7.96
C ALA A 49 8.59 -4.47 8.49
N GLN A 50 8.22 -5.55 7.82
CA GLN A 50 8.63 -6.89 8.24
C GLN A 50 10.14 -7.06 8.08
N GLN A 51 10.67 -6.63 6.95
CA GLN A 51 12.09 -6.73 6.68
C GLN A 51 12.91 -6.03 7.76
N GLY A 52 12.49 -4.80 8.10
CA GLY A 52 13.19 -4.04 9.12
C GLY A 52 12.87 -4.53 10.52
N PRO A 53 13.93 -4.80 11.31
CA PRO A 53 13.78 -5.28 12.68
C PRO A 53 13.25 -4.20 13.62
N SER A 54 12.91 -3.04 13.05
CA SER A 54 12.39 -1.94 13.83
C SER A 54 11.22 -2.38 14.70
N ALA A 55 11.50 -2.62 15.98
CA ALA A 55 10.47 -3.05 16.91
C ALA A 55 9.48 -1.92 17.21
N GLN A 56 10.01 -0.77 17.61
CA GLN A 56 9.17 0.39 17.91
C GLN A 56 9.68 1.63 17.20
N GLY A 57 8.99 2.00 16.11
CA GLY A 57 9.38 3.17 15.35
C GLY A 57 9.42 2.91 13.86
N SER A 58 9.36 3.97 13.06
CA SER A 58 9.38 3.85 11.62
C SER A 58 9.65 5.19 10.96
N GLY A 59 10.60 5.21 10.03
CA GLY A 59 10.94 6.45 9.35
C GLY A 59 12.32 6.40 8.71
N PRO A 60 13.36 6.30 9.55
CA PRO A 60 14.74 6.24 9.08
C PRO A 60 15.07 4.92 8.36
N SER A 61 14.11 4.00 8.38
CA SER A 61 14.28 2.70 7.75
C SER A 61 14.77 2.87 6.30
N SER A 62 13.96 3.54 5.49
CA SER A 62 14.30 3.77 4.09
C SER A 62 15.69 4.36 3.96
N GLY A 63 16.29 4.21 2.78
CA GLY A 63 17.62 4.75 2.55
C GLY A 63 18.11 4.47 1.15
ZN ZN B . -2.17 9.94 -7.12
ZN ZN C . -1.66 -2.56 8.31
N GLY A 1 -17.05 6.09 -23.88
CA GLY A 1 -17.59 5.95 -22.55
C GLY A 1 -16.54 5.50 -21.55
N SER A 2 -16.93 5.43 -20.28
CA SER A 2 -16.01 5.00 -19.22
C SER A 2 -16.22 3.54 -18.87
N SER A 3 -15.13 2.80 -18.75
CA SER A 3 -15.19 1.39 -18.41
C SER A 3 -16.01 1.16 -17.15
N GLY A 4 -15.69 1.92 -16.10
CA GLY A 4 -16.42 1.78 -14.85
C GLY A 4 -15.63 1.04 -13.80
N SER A 5 -15.86 -0.26 -13.69
CA SER A 5 -15.17 -1.09 -12.71
C SER A 5 -13.82 -1.57 -13.26
N SER A 6 -13.01 -2.16 -12.40
CA SER A 6 -11.70 -2.65 -12.79
C SER A 6 -10.81 -1.52 -13.29
N GLY A 7 -10.85 -0.40 -12.57
CA GLY A 7 -10.05 0.75 -12.96
C GLY A 7 -9.05 1.14 -11.89
N ASP A 8 -7.79 1.23 -12.27
CA ASP A 8 -6.73 1.60 -11.34
C ASP A 8 -6.50 3.11 -11.34
N ARG A 9 -7.27 3.82 -10.53
CA ARG A 9 -7.15 5.27 -10.44
C ARG A 9 -6.58 5.69 -9.09
N CYS A 10 -5.91 6.84 -9.07
CA CYS A 10 -5.32 7.35 -7.84
C CYS A 10 -6.38 7.97 -6.94
N TYR A 11 -6.57 7.36 -5.77
CA TYR A 11 -7.56 7.85 -4.82
C TYR A 11 -6.98 8.96 -3.94
N ASN A 12 -6.23 9.88 -4.57
CA ASN A 12 -5.63 10.99 -3.85
C ASN A 12 -5.85 12.30 -4.59
N CYS A 13 -5.48 12.33 -5.86
CA CYS A 13 -5.64 13.53 -6.68
C CYS A 13 -6.50 13.24 -7.91
N GLY A 14 -6.24 12.11 -8.57
CA GLY A 14 -7.01 11.74 -9.73
C GLY A 14 -6.14 11.56 -10.97
N GLY A 15 -4.96 10.99 -10.77
CA GLY A 15 -4.05 10.78 -11.88
C GLY A 15 -4.33 9.49 -12.63
N LEU A 16 -4.16 9.51 -13.94
CA LEU A 16 -4.41 8.34 -14.77
C LEU A 16 -3.10 7.64 -15.10
N ASP A 17 -2.10 8.40 -15.52
CA ASP A 17 -0.80 7.85 -15.88
C ASP A 17 -0.13 7.22 -14.66
N HIS A 18 -0.03 7.98 -13.58
CA HIS A 18 0.59 7.49 -12.35
C HIS A 18 -0.45 6.81 -11.46
N HIS A 19 0.02 5.92 -10.59
CA HIS A 19 -0.87 5.20 -9.68
C HIS A 19 -0.84 5.82 -8.28
N ALA A 20 -1.96 5.74 -7.58
CA ALA A 20 -2.06 6.29 -6.24
C ALA A 20 -0.79 6.04 -5.44
N LYS A 21 -0.28 4.81 -5.51
CA LYS A 21 0.94 4.45 -4.80
C LYS A 21 2.12 5.28 -5.28
N GLU A 22 2.23 5.44 -6.59
CA GLU A 22 3.31 6.21 -7.18
C GLU A 22 3.19 7.69 -6.82
N CYS A 23 1.96 8.20 -6.87
CA CYS A 23 1.71 9.60 -6.54
C CYS A 23 2.65 10.09 -5.44
N LYS A 24 2.96 11.38 -5.47
CA LYS A 24 3.86 11.97 -4.48
C LYS A 24 3.05 12.68 -3.39
N LEU A 25 2.01 13.39 -3.79
CA LEU A 25 1.17 14.12 -2.85
C LEU A 25 0.97 13.32 -1.57
N PRO A 26 0.67 14.03 -0.47
CA PRO A 26 0.46 13.40 0.84
C PRO A 26 -0.84 12.59 0.89
N PRO A 27 -0.74 11.36 1.41
CA PRO A 27 -1.90 10.46 1.53
C PRO A 27 -2.90 10.93 2.57
N GLN A 28 -4.08 10.32 2.58
CA GLN A 28 -5.12 10.68 3.53
C GLN A 28 -4.94 9.93 4.85
N PRO A 29 -5.42 10.54 5.95
CA PRO A 29 -5.32 9.95 7.28
C PRO A 29 -6.21 8.72 7.45
N LYS A 30 -6.71 8.20 6.32
CA LYS A 30 -7.58 7.04 6.34
C LYS A 30 -6.95 5.90 7.15
N LYS A 31 -7.62 4.76 7.18
CA LYS A 31 -7.12 3.60 7.92
C LYS A 31 -6.29 2.70 7.01
N CYS A 32 -5.57 1.75 7.62
CA CYS A 32 -4.73 0.82 6.88
C CYS A 32 -5.46 0.32 5.64
N HIS A 33 -5.00 0.76 4.47
CA HIS A 33 -5.61 0.34 3.21
C HIS A 33 -5.11 -1.04 2.80
N PHE A 34 -5.05 -1.95 3.76
CA PHE A 34 -4.60 -3.32 3.49
C PHE A 34 -5.52 -4.34 4.16
N CYS A 35 -5.72 -4.18 5.47
CA CYS A 35 -6.58 -5.08 6.23
C CYS A 35 -7.72 -4.31 6.91
N GLN A 36 -7.90 -3.06 6.50
CA GLN A 36 -8.96 -2.23 7.06
C GLN A 36 -8.83 -2.15 8.58
N SER A 37 -7.64 -1.79 9.06
CA SER A 37 -7.39 -1.69 10.49
C SER A 37 -7.21 -0.23 10.90
N ILE A 38 -8.16 0.29 11.66
CA ILE A 38 -8.10 1.68 12.12
C ILE A 38 -7.19 1.81 13.34
N SER A 39 -6.38 0.79 13.58
CA SER A 39 -5.46 0.79 14.70
C SER A 39 -4.05 1.17 14.27
N HIS A 40 -3.45 0.33 13.43
CA HIS A 40 -2.10 0.58 12.93
C HIS A 40 -2.14 1.16 11.52
N MET A 41 -0.98 1.50 10.99
CA MET A 41 -0.89 2.06 9.64
C MET A 41 -0.35 1.03 8.66
N VAL A 42 -0.78 1.14 7.40
CA VAL A 42 -0.34 0.22 6.36
C VAL A 42 1.19 0.10 6.34
N ALA A 43 1.86 1.14 6.82
CA ALA A 43 3.32 1.15 6.86
C ALA A 43 3.85 0.20 7.93
N SER A 44 3.09 0.04 9.01
CA SER A 44 3.48 -0.83 10.11
C SER A 44 2.76 -2.18 10.02
N CYS A 45 1.66 -2.21 9.29
CA CYS A 45 0.88 -3.42 9.11
C CYS A 45 1.80 -4.64 9.02
N PRO A 46 1.48 -5.69 9.80
CA PRO A 46 2.26 -6.93 9.82
C PRO A 46 2.13 -7.72 8.53
N LEU A 47 0.89 -7.93 8.09
CA LEU A 47 0.62 -8.68 6.86
C LEU A 47 1.49 -8.16 5.72
N LYS A 48 1.68 -6.85 5.68
CA LYS A 48 2.49 -6.23 4.63
C LYS A 48 3.96 -6.57 4.81
N ALA A 49 4.53 -6.17 5.95
CA ALA A 49 5.94 -6.45 6.24
C ALA A 49 6.24 -7.93 6.13
N GLN A 50 5.53 -8.73 6.92
CA GLN A 50 5.73 -10.19 6.92
C GLN A 50 6.09 -10.68 5.52
N GLN A 51 7.23 -11.34 5.41
CA GLN A 51 7.69 -11.87 4.13
C GLN A 51 7.09 -13.24 3.86
N GLY A 52 7.40 -13.80 2.69
CA GLY A 52 6.88 -15.11 2.33
C GLY A 52 7.74 -15.81 1.30
N PRO A 53 7.68 -15.34 0.05
CA PRO A 53 8.45 -15.92 -1.06
C PRO A 53 9.94 -15.64 -0.93
N SER A 54 10.68 -16.60 -0.40
CA SER A 54 12.12 -16.46 -0.23
C SER A 54 12.83 -16.37 -1.57
N ALA A 55 12.91 -15.16 -2.12
CA ALA A 55 13.57 -14.95 -3.41
C ALA A 55 15.08 -14.81 -3.24
N GLN A 56 15.49 -13.95 -2.31
CA GLN A 56 16.90 -13.72 -2.05
C GLN A 56 17.52 -14.91 -1.33
N GLY A 57 16.99 -15.22 -0.15
CA GLY A 57 17.51 -16.33 0.62
C GLY A 57 18.23 -15.89 1.89
N SER A 58 17.99 -16.60 2.99
CA SER A 58 18.61 -16.27 4.25
C SER A 58 20.12 -16.47 4.19
N GLY A 59 20.83 -15.83 5.12
CA GLY A 59 22.28 -15.94 5.15
C GLY A 59 22.83 -15.99 6.56
N PRO A 60 23.81 -16.87 6.79
CA PRO A 60 24.43 -17.02 8.11
C PRO A 60 25.29 -15.81 8.49
N SER A 61 25.28 -14.80 7.64
CA SER A 61 26.06 -13.59 7.87
C SER A 61 26.14 -13.28 9.37
N SER A 62 27.20 -13.76 10.01
CA SER A 62 27.39 -13.54 11.45
C SER A 62 27.65 -12.07 11.74
N GLY A 63 28.67 -11.52 11.09
CA GLY A 63 29.01 -10.12 11.29
C GLY A 63 27.90 -9.18 10.84
ZN ZN B . -2.35 11.13 -7.48
ZN ZN C . -3.20 -3.57 8.15
N GLY A 1 -7.36 -18.73 -1.03
CA GLY A 1 -7.98 -18.26 0.19
C GLY A 1 -7.63 -16.83 0.51
N SER A 2 -6.33 -16.55 0.62
CA SER A 2 -5.86 -15.21 0.94
C SER A 2 -5.50 -14.44 -0.34
N SER A 3 -6.49 -13.73 -0.88
CA SER A 3 -6.28 -12.96 -2.10
C SER A 3 -4.93 -12.25 -2.09
N GLY A 4 -4.68 -11.50 -1.01
CA GLY A 4 -3.42 -10.79 -0.90
C GLY A 4 -3.56 -9.52 -0.08
N SER A 5 -4.07 -8.46 -0.71
CA SER A 5 -4.24 -7.18 -0.03
C SER A 5 -5.15 -6.27 -0.84
N SER A 6 -5.52 -5.13 -0.25
CA SER A 6 -6.39 -4.17 -0.92
C SER A 6 -5.59 -2.97 -1.41
N GLY A 7 -5.12 -3.05 -2.65
CA GLY A 7 -4.34 -1.96 -3.22
C GLY A 7 -4.36 -1.97 -4.73
N ASP A 8 -5.54 -2.20 -5.31
CA ASP A 8 -5.69 -2.24 -6.76
C ASP A 8 -5.49 -0.84 -7.37
N ARG A 9 -6.14 0.14 -6.77
CA ARG A 9 -6.05 1.52 -7.25
C ARG A 9 -5.52 2.44 -6.15
N CYS A 10 -4.73 3.44 -6.55
CA CYS A 10 -4.15 4.38 -5.60
C CYS A 10 -5.23 4.94 -4.67
N TYR A 11 -5.16 4.55 -3.40
CA TYR A 11 -6.12 4.99 -2.40
C TYR A 11 -5.78 6.40 -1.91
N ASN A 12 -5.42 7.27 -2.84
CA ASN A 12 -5.07 8.65 -2.50
C ASN A 12 -5.74 9.63 -3.45
N CYS A 13 -5.42 9.54 -4.73
CA CYS A 13 -6.00 10.42 -5.74
C CYS A 13 -6.84 9.63 -6.73
N GLY A 14 -6.32 8.48 -7.16
CA GLY A 14 -7.03 7.65 -8.12
C GLY A 14 -6.27 7.46 -9.40
N GLY A 15 -4.96 7.25 -9.29
CA GLY A 15 -4.14 7.05 -10.47
C GLY A 15 -4.03 5.59 -10.87
N LEU A 16 -4.07 5.34 -12.18
CA LEU A 16 -3.97 3.97 -12.69
C LEU A 16 -2.55 3.64 -13.10
N ASP A 17 -1.88 4.60 -13.74
CA ASP A 17 -0.51 4.41 -14.20
C ASP A 17 0.43 4.23 -13.00
N HIS A 18 0.31 5.11 -12.02
CA HIS A 18 1.16 5.04 -10.84
C HIS A 18 0.43 4.36 -9.69
N HIS A 19 1.19 3.83 -8.73
CA HIS A 19 0.61 3.13 -7.59
C HIS A 19 0.59 4.05 -6.36
N ALA A 20 -0.40 3.84 -5.50
CA ALA A 20 -0.53 4.64 -4.29
C ALA A 20 0.82 4.91 -3.65
N LYS A 21 1.66 3.88 -3.60
CA LYS A 21 2.99 4.01 -3.01
C LYS A 21 3.84 5.01 -3.80
N GLU A 22 3.81 4.89 -5.12
CA GLU A 22 4.57 5.79 -5.97
C GLU A 22 4.04 7.22 -5.88
N CYS A 23 2.71 7.35 -5.87
CA CYS A 23 2.07 8.65 -5.78
C CYS A 23 2.90 9.61 -4.93
N LYS A 24 2.83 10.90 -5.25
CA LYS A 24 3.57 11.91 -4.52
C LYS A 24 2.67 12.62 -3.51
N LEU A 25 1.44 12.89 -3.92
CA LEU A 25 0.47 13.57 -3.05
C LEU A 25 0.63 13.10 -1.61
N PRO A 26 0.18 13.94 -0.67
CA PRO A 26 0.25 13.64 0.77
C PRO A 26 -0.69 12.51 1.18
N PRO A 27 -0.24 11.67 2.11
CA PRO A 27 -1.02 10.53 2.60
C PRO A 27 -2.22 10.99 3.45
N GLN A 28 -3.42 10.58 3.04
CA GLN A 28 -4.63 10.94 3.76
C GLN A 28 -4.73 10.17 5.07
N PRO A 29 -5.53 10.70 6.01
CA PRO A 29 -5.72 10.08 7.32
C PRO A 29 -6.55 8.79 7.23
N LYS A 30 -6.73 8.30 6.01
CA LYS A 30 -7.49 7.07 5.79
C LYS A 30 -6.98 5.94 6.68
N LYS A 31 -7.53 4.75 6.48
CA LYS A 31 -7.12 3.59 7.26
C LYS A 31 -6.01 2.82 6.55
N CYS A 32 -4.98 2.44 7.31
CA CYS A 32 -3.86 1.70 6.76
C CYS A 32 -4.33 0.63 5.78
N HIS A 33 -3.81 0.68 4.57
CA HIS A 33 -4.19 -0.29 3.53
C HIS A 33 -3.31 -1.54 3.62
N PHE A 34 -2.95 -1.93 4.84
CA PHE A 34 -2.12 -3.10 5.06
C PHE A 34 -2.70 -3.99 6.16
N CYS A 35 -3.02 -3.37 7.30
CA CYS A 35 -3.59 -4.10 8.42
C CYS A 35 -4.81 -3.38 8.98
N GLN A 36 -5.47 -2.59 8.13
CA GLN A 36 -6.65 -1.84 8.54
C GLN A 36 -6.46 -1.25 9.94
N SER A 37 -5.24 -0.81 10.22
CA SER A 37 -4.92 -0.23 11.53
C SER A 37 -5.08 1.29 11.50
N ILE A 38 -6.31 1.75 11.70
CA ILE A 38 -6.58 3.19 11.69
C ILE A 38 -5.60 3.94 12.58
N SER A 39 -4.94 3.21 13.48
CA SER A 39 -3.97 3.82 14.39
C SER A 39 -2.81 4.43 13.62
N HIS A 40 -1.93 3.58 13.11
CA HIS A 40 -0.77 4.04 12.36
C HIS A 40 -1.08 4.07 10.86
N MET A 41 -0.11 4.55 10.08
CA MET A 41 -0.29 4.64 8.63
C MET A 41 0.60 3.61 7.92
N VAL A 42 0.17 3.19 6.73
CA VAL A 42 0.92 2.21 5.95
C VAL A 42 2.38 2.63 5.81
N ALA A 43 2.62 3.94 5.85
CA ALA A 43 3.98 4.48 5.74
C ALA A 43 4.83 4.05 6.92
N SER A 44 4.20 3.93 8.09
CA SER A 44 4.91 3.54 9.30
C SER A 44 4.71 2.05 9.60
N CYS A 45 3.62 1.50 9.09
CA CYS A 45 3.30 0.09 9.30
C CYS A 45 4.57 -0.76 9.27
N PRO A 46 4.84 -1.45 10.39
CA PRO A 46 6.02 -2.31 10.52
C PRO A 46 5.93 -3.55 9.65
N LEU A 47 4.80 -4.25 9.74
CA LEU A 47 4.59 -5.47 8.95
C LEU A 47 5.02 -5.27 7.51
N LYS A 48 4.71 -4.09 6.97
CA LYS A 48 5.07 -3.76 5.59
C LYS A 48 6.58 -3.69 5.42
N ALA A 49 7.22 -2.88 6.26
CA ALA A 49 8.67 -2.72 6.20
C ALA A 49 9.36 -3.67 7.15
N GLN A 50 8.84 -4.89 7.25
CA GLN A 50 9.41 -5.90 8.13
C GLN A 50 10.92 -6.00 7.94
N GLN A 51 11.67 -5.71 8.99
CA GLN A 51 13.13 -5.76 8.92
C GLN A 51 13.60 -7.14 8.48
N GLY A 52 14.85 -7.23 8.04
CA GLY A 52 15.40 -8.49 7.59
C GLY A 52 15.00 -8.82 6.17
N PRO A 53 15.89 -8.51 5.21
CA PRO A 53 15.63 -8.78 3.79
C PRO A 53 15.64 -10.26 3.46
N SER A 54 15.79 -11.09 4.49
CA SER A 54 15.82 -12.54 4.31
C SER A 54 14.61 -13.01 3.51
N ALA A 55 14.87 -13.75 2.43
CA ALA A 55 13.82 -14.27 1.58
C ALA A 55 14.06 -15.72 1.22
N GLN A 56 13.00 -16.42 0.82
CA GLN A 56 13.10 -17.82 0.45
C GLN A 56 12.81 -18.02 -1.05
N GLY A 57 13.69 -18.72 -1.73
CA GLY A 57 13.51 -18.96 -3.15
C GLY A 57 14.59 -19.86 -3.72
N SER A 58 15.78 -19.31 -3.91
CA SER A 58 16.90 -20.07 -4.47
C SER A 58 16.49 -20.75 -5.78
N GLY A 59 15.75 -20.02 -6.62
CA GLY A 59 15.31 -20.58 -7.88
C GLY A 59 14.17 -21.55 -7.73
N PRO A 60 13.26 -21.57 -8.72
CA PRO A 60 12.10 -22.45 -8.71
C PRO A 60 12.47 -23.92 -8.89
N SER A 61 11.80 -24.80 -8.16
CA SER A 61 12.07 -26.23 -8.23
C SER A 61 12.19 -26.68 -9.68
N SER A 62 11.27 -26.21 -10.52
CA SER A 62 11.27 -26.58 -11.93
C SER A 62 12.69 -26.64 -12.48
N GLY A 63 13.46 -25.59 -12.24
CA GLY A 63 14.83 -25.55 -12.72
C GLY A 63 14.93 -25.23 -14.19
ZN ZN B . -2.30 8.82 -6.48
ZN ZN C . -0.70 -1.34 8.94
N GLY A 1 -15.05 8.21 1.50
CA GLY A 1 -15.78 6.95 1.54
C GLY A 1 -15.57 6.12 0.30
N SER A 2 -16.43 5.13 0.09
CA SER A 2 -16.33 4.24 -1.06
C SER A 2 -17.14 4.80 -2.23
N SER A 3 -16.45 5.49 -3.14
CA SER A 3 -17.11 6.08 -4.31
C SER A 3 -18.08 5.09 -4.93
N GLY A 4 -17.58 3.91 -5.31
CA GLY A 4 -18.43 2.90 -5.91
C GLY A 4 -17.75 2.20 -7.07
N SER A 5 -17.69 2.87 -8.22
CA SER A 5 -17.07 2.30 -9.41
C SER A 5 -15.65 1.82 -9.11
N SER A 6 -15.34 0.61 -9.55
CA SER A 6 -14.03 0.03 -9.32
C SER A 6 -12.93 0.88 -9.99
N GLY A 7 -12.49 1.91 -9.28
CA GLY A 7 -11.46 2.78 -9.82
C GLY A 7 -10.07 2.24 -9.57
N ASP A 8 -9.52 1.56 -10.57
CA ASP A 8 -8.18 0.99 -10.46
C ASP A 8 -7.11 2.06 -10.72
N ARG A 9 -7.28 3.21 -10.09
CA ARG A 9 -6.34 4.31 -10.25
C ARG A 9 -6.08 5.01 -8.91
N CYS A 10 -5.08 5.89 -8.90
CA CYS A 10 -4.72 6.62 -7.68
C CYS A 10 -5.95 7.27 -7.07
N TYR A 11 -6.30 6.84 -5.86
CA TYR A 11 -7.46 7.38 -5.16
C TYR A 11 -7.09 8.63 -4.37
N ASN A 12 -6.17 9.42 -4.93
CA ASN A 12 -5.72 10.64 -4.28
C ASN A 12 -5.88 11.85 -5.21
N CYS A 13 -5.17 11.80 -6.33
CA CYS A 13 -5.23 12.88 -7.32
C CYS A 13 -5.99 12.45 -8.56
N GLY A 14 -5.69 11.26 -9.06
CA GLY A 14 -6.36 10.75 -10.24
C GLY A 14 -5.39 10.43 -11.37
N GLY A 15 -4.23 9.89 -11.01
CA GLY A 15 -3.23 9.55 -12.00
C GLY A 15 -3.31 8.11 -12.43
N LEU A 16 -3.48 7.88 -13.74
CA LEU A 16 -3.57 6.53 -14.28
C LEU A 16 -2.19 5.92 -14.46
N ASP A 17 -1.23 6.75 -14.85
CA ASP A 17 0.13 6.29 -15.07
C ASP A 17 0.73 5.72 -13.78
N HIS A 18 0.71 6.52 -12.72
CA HIS A 18 1.24 6.10 -11.44
C HIS A 18 0.13 5.57 -10.54
N HIS A 19 0.52 4.84 -9.49
CA HIS A 19 -0.44 4.27 -8.56
C HIS A 19 -0.53 5.12 -7.29
N ALA A 20 -1.67 5.02 -6.59
CA ALA A 20 -1.88 5.78 -5.37
C ALA A 20 -0.62 5.77 -4.49
N LYS A 21 -0.06 4.59 -4.29
CA LYS A 21 1.15 4.44 -3.48
C LYS A 21 2.31 5.23 -4.08
N GLU A 22 2.57 4.99 -5.37
CA GLU A 22 3.65 5.68 -6.06
C GLU A 22 3.49 7.20 -5.95
N CYS A 23 2.26 7.68 -6.08
CA CYS A 23 1.97 9.10 -5.99
C CYS A 23 2.89 9.78 -4.96
N LYS A 24 3.13 11.07 -5.16
CA LYS A 24 3.99 11.82 -4.25
C LYS A 24 3.14 12.65 -3.29
N LEU A 25 2.08 13.26 -3.80
CA LEU A 25 1.20 14.07 -2.98
C LEU A 25 0.92 13.40 -1.64
N PRO A 26 0.58 14.22 -0.62
CA PRO A 26 0.28 13.72 0.72
C PRO A 26 -1.03 12.94 0.78
N PRO A 27 -0.94 11.66 1.17
CA PRO A 27 -2.11 10.78 1.28
C PRO A 27 -3.02 11.17 2.42
N GLN A 28 -4.10 10.41 2.60
CA GLN A 28 -5.05 10.68 3.67
C GLN A 28 -4.80 9.76 4.87
N PRO A 29 -5.11 10.26 6.07
CA PRO A 29 -4.92 9.50 7.31
C PRO A 29 -5.91 8.35 7.44
N LYS A 30 -6.66 8.09 6.37
CA LYS A 30 -7.63 7.02 6.36
C LYS A 30 -7.04 5.73 6.90
N LYS A 31 -7.89 4.84 7.42
CA LYS A 31 -7.44 3.58 7.97
C LYS A 31 -6.28 3.01 7.15
N CYS A 32 -5.26 2.52 7.84
CA CYS A 32 -4.09 1.94 7.19
C CYS A 32 -4.51 0.89 6.16
N HIS A 33 -4.05 1.07 4.92
CA HIS A 33 -4.37 0.14 3.84
C HIS A 33 -3.42 -1.05 3.86
N PHE A 34 -3.07 -1.52 5.06
CA PHE A 34 -2.17 -2.65 5.20
C PHE A 34 -2.70 -3.64 6.23
N CYS A 35 -2.85 -3.19 7.47
CA CYS A 35 -3.35 -4.03 8.54
C CYS A 35 -4.77 -3.62 8.93
N GLN A 36 -5.29 -2.59 8.28
CA GLN A 36 -6.63 -2.11 8.56
C GLN A 36 -6.75 -1.62 10.00
N SER A 37 -5.87 -0.71 10.39
CA SER A 37 -5.87 -0.17 11.74
C SER A 37 -5.92 1.36 11.72
N ILE A 38 -6.80 1.93 12.52
CA ILE A 38 -6.95 3.38 12.59
C ILE A 38 -6.00 3.97 13.63
N SER A 39 -4.95 3.23 13.95
CA SER A 39 -3.97 3.68 14.94
C SER A 39 -2.77 4.33 14.26
N HIS A 40 -1.98 3.51 13.56
CA HIS A 40 -0.81 4.01 12.86
C HIS A 40 -1.10 4.21 11.37
N MET A 41 -0.07 4.56 10.62
CA MET A 41 -0.21 4.79 9.18
C MET A 41 0.56 3.74 8.38
N VAL A 42 0.06 3.43 7.19
CA VAL A 42 0.71 2.44 6.33
C VAL A 42 2.19 2.73 6.18
N ALA A 43 2.55 4.01 6.24
CA ALA A 43 3.95 4.41 6.11
C ALA A 43 4.77 3.94 7.30
N SER A 44 4.12 3.80 8.45
CA SER A 44 4.79 3.35 9.67
C SER A 44 4.53 1.87 9.91
N CYS A 45 3.43 1.37 9.36
CA CYS A 45 3.06 -0.03 9.52
C CYS A 45 4.31 -0.92 9.54
N PRO A 46 4.41 -1.76 10.56
CA PRO A 46 5.55 -2.68 10.73
C PRO A 46 5.54 -3.80 9.69
N LEU A 47 4.39 -4.44 9.53
CA LEU A 47 4.24 -5.53 8.58
C LEU A 47 4.80 -5.14 7.21
N LYS A 48 4.69 -3.85 6.89
CA LYS A 48 5.19 -3.34 5.61
C LYS A 48 6.71 -3.27 5.61
N ALA A 49 7.30 -3.00 6.78
CA ALA A 49 8.74 -2.91 6.91
C ALA A 49 9.35 -4.27 7.20
N GLN A 50 9.02 -5.26 6.37
CA GLN A 50 9.54 -6.61 6.55
C GLN A 50 11.03 -6.67 6.24
N GLN A 51 11.42 -6.07 5.11
CA GLN A 51 12.81 -6.07 4.69
C GLN A 51 13.72 -5.66 5.85
N GLY A 52 14.84 -6.36 6.00
CA GLY A 52 15.78 -6.05 7.07
C GLY A 52 16.88 -7.08 7.18
N PRO A 53 17.03 -7.67 8.38
CA PRO A 53 18.06 -8.67 8.65
C PRO A 53 17.78 -10.00 7.93
N SER A 54 16.76 -9.99 7.07
CA SER A 54 16.38 -11.19 6.32
C SER A 54 17.60 -12.04 6.02
N ALA A 55 17.72 -13.17 6.70
CA ALA A 55 18.84 -14.09 6.49
C ALA A 55 18.41 -15.31 5.68
N GLN A 56 18.83 -15.34 4.42
CA GLN A 56 18.50 -16.46 3.54
C GLN A 56 19.59 -17.52 3.57
N GLY A 57 20.83 -17.09 3.39
CA GLY A 57 21.95 -18.02 3.40
C GLY A 57 22.14 -18.71 2.06
N SER A 58 23.23 -18.39 1.39
CA SER A 58 23.53 -18.98 0.08
C SER A 58 24.23 -20.33 0.24
N GLY A 59 23.66 -21.36 -0.38
CA GLY A 59 24.24 -22.69 -0.30
C GLY A 59 23.88 -23.39 1.00
N PRO A 60 24.31 -24.66 1.12
CA PRO A 60 24.05 -25.47 2.32
C PRO A 60 24.84 -24.99 3.53
N SER A 61 24.71 -25.71 4.64
CA SER A 61 25.41 -25.35 5.87
C SER A 61 26.84 -24.92 5.56
N SER A 62 27.39 -24.07 6.43
CA SER A 62 28.75 -23.58 6.25
C SER A 62 29.69 -24.19 7.29
N GLY A 63 30.85 -24.66 6.82
CA GLY A 63 31.81 -25.27 7.72
C GLY A 63 31.91 -24.54 9.04
ZN ZN B . -1.88 10.39 -7.53
ZN ZN C . -0.97 -1.10 9.17
#